data_1HF2
#
_entry.id   1HF2
#
_cell.length_a   51.580
_cell.length_b   106.090
_cell.length_c   162.530
_cell.angle_alpha   90.00
_cell.angle_beta   90.00
_cell.angle_gamma   90.00
#
_symmetry.space_group_name_H-M   'P 21 21 21'
#
loop_
_entity.id
_entity.type
_entity.pdbx_description
1 polymer 'SEPTUM SITE-DETERMINING PROTEIN MINC'
2 water water
#
_entity_poly.entity_id   1
_entity_poly.type   'polypeptide(L)'
_entity_poly.pdbx_seq_one_letter_code
;MVDFKMTKEGLVLLIKDYQNLEEVLNAISARITQMGGFFAKGDRISLMIENHNKHSQDIPRIVSHLRNLGLEVSQILVGS
TVEGKENDLKVQSRTTVESTGKVIKRNIRSGQTVVHSGDVIVFGNVNKGAEILAGGSVVVFGKAQGNIRAGLNEGGQAVV
AALDLQTSLIQIAGFITHSKGEENVPSIAHVKGNRIVIEPFDKVSFERSE
;
_entity_poly.pdbx_strand_id   A,B,C,D
#
# COMPACT_ATOMS: atom_id res chain seq x y z
N MET A 1 27.42 -19.62 -12.80
CA MET A 1 27.06 -18.92 -11.54
C MET A 1 26.10 -19.78 -10.73
N VAL A 2 25.16 -20.41 -11.42
CA VAL A 2 24.19 -21.27 -10.75
C VAL A 2 23.82 -22.44 -11.66
N ASP A 3 23.94 -23.65 -11.14
CA ASP A 3 23.60 -24.83 -11.92
C ASP A 3 23.31 -26.04 -11.04
N PHE A 4 22.42 -26.91 -11.49
CA PHE A 4 22.08 -28.10 -10.75
C PHE A 4 22.99 -29.23 -11.24
N LYS A 5 23.30 -30.16 -10.34
CA LYS A 5 24.14 -31.29 -10.70
C LYS A 5 23.79 -32.52 -9.90
N MET A 6 23.74 -33.66 -10.59
CA MET A 6 23.44 -34.91 -9.92
C MET A 6 24.74 -35.48 -9.38
N THR A 7 24.75 -35.74 -8.08
CA THR A 7 25.93 -36.28 -7.43
C THR A 7 25.52 -37.44 -6.55
N LYS A 8 26.48 -38.01 -5.85
CA LYS A 8 26.22 -39.12 -4.95
C LYS A 8 25.43 -38.59 -3.76
N GLU A 9 25.39 -37.27 -3.63
CA GLU A 9 24.65 -36.63 -2.55
C GLU A 9 23.21 -36.40 -3.00
N GLY A 10 22.97 -36.69 -4.28
CA GLY A 10 21.66 -36.49 -4.85
C GLY A 10 21.71 -35.18 -5.60
N LEU A 11 20.55 -34.63 -5.96
CA LEU A 11 20.54 -33.36 -6.67
C LEU A 11 21.14 -32.29 -5.78
N VAL A 12 22.03 -31.48 -6.34
CA VAL A 12 22.65 -30.41 -5.59
C VAL A 12 22.60 -29.13 -6.42
N LEU A 13 22.15 -28.04 -5.80
CA LEU A 13 22.11 -26.76 -6.50
C LEU A 13 23.40 -26.11 -6.11
N LEU A 14 24.25 -25.87 -7.10
CA LEU A 14 25.53 -25.26 -6.86
C LEU A 14 25.42 -23.76 -7.13
N ILE A 15 25.78 -22.95 -6.14
CA ILE A 15 25.74 -21.52 -6.28
C ILE A 15 27.18 -21.02 -6.26
N LYS A 16 27.70 -20.70 -7.44
CA LYS A 16 29.05 -20.21 -7.59
C LYS A 16 29.08 -18.76 -7.11
N ASP A 17 30.20 -18.38 -6.48
CA ASP A 17 30.36 -17.03 -5.92
C ASP A 17 29.61 -15.94 -6.66
N TYR A 18 29.12 -14.97 -5.90
CA TYR A 18 28.36 -13.87 -6.45
C TYR A 18 28.54 -12.62 -5.62
N GLN A 19 28.31 -11.47 -6.23
CA GLN A 19 28.47 -10.19 -5.54
C GLN A 19 27.10 -9.59 -5.25
N ASN A 20 26.07 -10.11 -5.91
CA ASN A 20 24.71 -9.60 -5.77
C ASN A 20 23.70 -10.73 -5.66
N LEU A 21 23.04 -10.82 -4.50
CA LEU A 21 22.04 -11.85 -4.26
C LEU A 21 20.90 -11.78 -5.27
N GLU A 22 20.36 -10.59 -5.48
CA GLU A 22 19.26 -10.40 -6.42
C GLU A 22 19.59 -11.05 -7.75
N GLU A 23 20.86 -10.99 -8.12
CA GLU A 23 21.32 -11.59 -9.37
C GLU A 23 21.19 -13.11 -9.25
N VAL A 24 21.63 -13.65 -8.12
CA VAL A 24 21.56 -15.08 -7.86
C VAL A 24 20.14 -15.61 -7.92
N LEU A 25 19.25 -15.01 -7.14
CA LEU A 25 17.86 -15.43 -7.13
C LEU A 25 17.32 -15.39 -8.55
N ASN A 26 17.68 -14.35 -9.30
CA ASN A 26 17.24 -14.24 -10.69
C ASN A 26 17.81 -15.41 -11.50
N ALA A 27 19.04 -15.80 -11.19
CA ALA A 27 19.69 -16.91 -11.88
C ALA A 27 19.02 -18.23 -11.51
N ILE A 28 18.68 -18.42 -10.24
CA ILE A 28 18.01 -19.65 -9.83
C ILE A 28 16.67 -19.79 -10.56
N SER A 29 15.95 -18.68 -10.70
CA SER A 29 14.66 -18.68 -11.38
C SER A 29 14.85 -19.09 -12.84
N ALA A 30 15.86 -18.52 -13.49
CA ALA A 30 16.15 -18.82 -14.88
C ALA A 30 16.63 -20.27 -15.03
N ARG A 31 17.48 -20.70 -14.12
CA ARG A 31 17.98 -22.07 -14.17
C ARG A 31 16.81 -23.04 -14.01
N ILE A 32 15.95 -22.79 -13.02
CA ILE A 32 14.79 -23.63 -12.78
C ILE A 32 14.04 -23.81 -14.09
N THR A 33 13.87 -22.70 -14.81
CA THR A 33 13.18 -22.70 -16.10
C THR A 33 13.86 -23.58 -17.15
N GLN A 34 15.19 -23.53 -17.21
CA GLN A 34 15.96 -24.31 -18.17
C GLN A 34 15.79 -25.82 -17.96
N MET A 35 15.78 -26.24 -16.71
CA MET A 35 15.66 -27.65 -16.37
C MET A 35 14.38 -28.28 -16.89
N GLY A 36 13.50 -27.47 -17.47
CA GLY A 36 12.25 -28.01 -17.98
C GLY A 36 11.46 -28.64 -16.84
N GLY A 37 10.61 -29.60 -17.16
CA GLY A 37 9.81 -30.26 -16.14
C GLY A 37 10.59 -31.30 -15.38
N PHE A 38 11.91 -31.14 -15.31
CA PHE A 38 12.74 -32.09 -14.59
C PHE A 38 12.31 -32.16 -13.13
N PHE A 39 11.97 -31.01 -12.56
CA PHE A 39 11.56 -30.94 -11.16
C PHE A 39 10.06 -31.02 -10.90
N ALA A 40 9.71 -31.67 -9.79
CA ALA A 40 8.33 -31.79 -9.36
C ALA A 40 8.23 -30.90 -8.13
N LYS A 41 7.02 -30.42 -7.84
CA LYS A 41 6.81 -29.55 -6.71
C LYS A 41 7.37 -30.05 -5.38
N GLY A 42 7.33 -31.35 -5.15
CA GLY A 42 7.86 -31.87 -3.90
C GLY A 42 9.39 -31.96 -3.83
N ASP A 43 10.01 -32.22 -4.98
CA ASP A 43 11.46 -32.38 -5.09
C ASP A 43 12.34 -31.71 -4.03
N ARG A 44 13.22 -32.51 -3.42
CA ARG A 44 14.14 -32.03 -2.40
C ARG A 44 15.55 -31.96 -2.98
N ILE A 45 16.29 -30.92 -2.65
CA ILE A 45 17.65 -30.78 -3.15
C ILE A 45 18.61 -30.30 -2.08
N SER A 46 19.89 -30.54 -2.33
CA SER A 46 20.94 -30.10 -1.41
C SER A 46 21.42 -28.77 -1.95
N LEU A 47 21.91 -27.92 -1.07
CA LEU A 47 22.38 -26.61 -1.48
C LEU A 47 23.86 -26.46 -1.14
N MET A 48 24.60 -25.87 -2.06
CA MET A 48 26.03 -25.63 -1.84
C MET A 48 26.40 -24.28 -2.44
N ILE A 49 26.90 -23.38 -1.60
CA ILE A 49 27.29 -22.05 -2.02
C ILE A 49 28.80 -21.95 -1.90
N GLU A 50 29.48 -21.56 -2.98
CA GLU A 50 30.93 -21.45 -2.97
C GLU A 50 31.49 -20.71 -1.75
N ASN A 51 31.87 -19.45 -1.92
CA ASN A 51 32.42 -18.69 -0.80
C ASN A 51 31.30 -18.50 0.24
N HIS A 52 30.87 -19.62 0.83
CA HIS A 52 29.78 -19.63 1.80
C HIS A 52 29.84 -18.66 2.97
N ASN A 53 31.02 -18.49 3.56
CA ASN A 53 31.15 -17.59 4.69
C ASN A 53 30.73 -16.17 4.35
N LYS A 54 30.74 -15.84 3.06
CA LYS A 54 30.38 -14.50 2.60
C LYS A 54 28.90 -14.33 2.26
N HIS A 55 28.19 -15.44 2.11
CA HIS A 55 26.77 -15.40 1.75
C HIS A 55 25.87 -16.03 2.81
N SER A 56 26.45 -16.28 3.99
CA SER A 56 25.73 -16.89 5.09
C SER A 56 24.37 -16.31 5.42
N GLN A 57 24.30 -14.98 5.52
CA GLN A 57 23.05 -14.31 5.86
C GLN A 57 22.01 -14.26 4.73
N ASP A 58 22.36 -14.83 3.58
CA ASP A 58 21.46 -14.87 2.41
C ASP A 58 20.69 -16.19 2.32
N ILE A 59 21.06 -17.17 3.15
CA ILE A 59 20.42 -18.48 3.13
C ILE A 59 18.89 -18.45 3.25
N PRO A 60 18.35 -17.67 4.20
CA PRO A 60 16.89 -17.63 4.33
C PRO A 60 16.19 -17.28 3.02
N ARG A 61 16.63 -16.20 2.38
CA ARG A 61 16.04 -15.77 1.10
C ARG A 61 16.27 -16.73 -0.06
N ILE A 62 17.41 -17.41 -0.08
CA ILE A 62 17.68 -18.36 -1.14
C ILE A 62 16.81 -19.57 -0.89
N VAL A 63 16.79 -20.05 0.35
CA VAL A 63 15.96 -21.20 0.70
C VAL A 63 14.49 -20.88 0.45
N SER A 64 14.09 -19.64 0.74
CA SER A 64 12.72 -19.21 0.56
C SER A 64 12.38 -19.11 -0.92
N HIS A 65 13.31 -18.57 -1.69
CA HIS A 65 13.09 -18.41 -3.13
C HIS A 65 12.96 -19.79 -3.78
N LEU A 66 13.76 -20.75 -3.34
CA LEU A 66 13.70 -22.12 -3.86
C LEU A 66 12.37 -22.78 -3.45
N ARG A 67 11.95 -22.56 -2.21
CA ARG A 67 10.71 -23.15 -1.70
C ARG A 67 9.51 -22.61 -2.45
N ASN A 68 9.50 -21.32 -2.71
CA ASN A 68 8.39 -20.71 -3.42
C ASN A 68 8.38 -21.16 -4.87
N LEU A 69 9.49 -21.76 -5.31
CA LEU A 69 9.61 -22.26 -6.67
C LEU A 69 9.34 -23.76 -6.72
N GLY A 70 9.03 -24.36 -5.58
CA GLY A 70 8.73 -25.78 -5.53
C GLY A 70 9.86 -26.70 -5.10
N LEU A 71 11.02 -26.13 -4.83
CA LEU A 71 12.16 -26.95 -4.42
C LEU A 71 12.45 -26.82 -2.93
N GLU A 72 12.53 -27.95 -2.26
CA GLU A 72 12.80 -27.95 -0.83
C GLU A 72 14.27 -28.27 -0.53
N VAL A 73 14.95 -27.38 0.17
CA VAL A 73 16.34 -27.60 0.53
C VAL A 73 16.37 -28.51 1.76
N SER A 74 16.95 -29.70 1.60
CA SER A 74 17.04 -30.69 2.68
C SER A 74 18.33 -30.62 3.48
N GLN A 75 19.39 -30.11 2.86
CA GLN A 75 20.66 -29.99 3.54
C GLN A 75 21.56 -29.00 2.83
N ILE A 76 22.43 -28.37 3.60
CA ILE A 76 23.36 -27.40 3.07
C ILE A 76 24.76 -28.02 3.12
N LEU A 77 25.41 -28.10 1.96
CA LEU A 77 26.75 -28.66 1.87
C LEU A 77 27.79 -27.55 1.86
N VAL A 78 28.89 -27.79 2.57
CA VAL A 78 29.97 -26.81 2.62
C VAL A 78 31.13 -27.29 1.76
N GLY A 79 31.62 -26.40 0.90
CA GLY A 79 32.74 -26.75 0.03
C GLY A 79 32.32 -26.84 -1.43
N LYS A 90 35.46 -32.25 -2.03
CA LYS A 90 34.12 -31.92 -2.54
C LYS A 90 33.24 -31.37 -1.42
N VAL A 91 33.03 -32.14 -0.36
CA VAL A 91 32.19 -31.69 0.75
C VAL A 91 32.91 -31.66 2.09
N GLN A 92 33.21 -30.45 2.55
CA GLN A 92 33.87 -30.25 3.82
C GLN A 92 32.92 -30.57 4.97
N SER A 93 31.93 -29.70 5.16
CA SER A 93 30.94 -29.87 6.23
C SER A 93 29.53 -29.91 5.68
N ARG A 94 28.56 -30.14 6.57
CA ARG A 94 27.17 -30.19 6.16
C ARG A 94 26.21 -30.19 7.35
N THR A 95 24.94 -29.88 7.06
CA THR A 95 23.90 -29.84 8.08
C THR A 95 22.55 -30.11 7.43
N THR A 96 21.68 -30.81 8.16
CA THR A 96 20.35 -31.12 7.67
C THR A 96 19.40 -29.96 7.96
N VAL A 97 18.79 -29.41 6.92
CA VAL A 97 17.86 -28.30 7.06
C VAL A 97 16.53 -28.81 7.60
N GLU A 98 16.19 -28.39 8.80
CA GLU A 98 14.93 -28.82 9.42
C GLU A 98 13.73 -28.15 8.77
N SER A 99 13.34 -28.63 7.59
CA SER A 99 12.19 -28.08 6.89
C SER A 99 11.02 -28.13 7.86
N THR A 100 10.63 -26.97 8.36
CA THR A 100 9.55 -26.89 9.34
C THR A 100 8.73 -25.62 9.20
N GLY A 101 8.11 -25.21 10.30
CA GLY A 101 7.31 -24.00 10.29
C GLY A 101 7.83 -22.99 11.30
N LYS A 102 7.22 -21.81 11.33
CA LYS A 102 7.64 -20.76 12.24
C LYS A 102 7.78 -21.25 13.69
N VAL A 103 6.87 -22.13 14.09
CA VAL A 103 6.87 -22.68 15.45
C VAL A 103 7.37 -24.13 15.45
N ILE A 104 8.50 -24.36 16.13
CA ILE A 104 9.13 -25.68 16.23
C ILE A 104 8.82 -26.27 17.60
N LYS A 105 8.24 -27.47 17.64
CA LYS A 105 7.92 -28.11 18.91
C LYS A 105 8.77 -29.36 19.16
N ARG A 106 10.08 -29.17 19.17
CA ARG A 106 11.02 -30.25 19.42
C ARG A 106 12.40 -29.63 19.52
N ASN A 107 13.40 -30.42 19.90
CA ASN A 107 14.76 -29.89 20.00
C ASN A 107 15.46 -29.81 18.67
N ILE A 108 16.30 -28.79 18.50
CA ILE A 108 17.06 -28.63 17.26
C ILE A 108 18.36 -29.38 17.53
N ARG A 109 18.51 -30.55 16.92
CA ARG A 109 19.69 -31.38 17.13
C ARG A 109 20.97 -30.94 16.43
N SER A 110 22.09 -31.48 16.92
CA SER A 110 23.41 -31.19 16.38
C SER A 110 23.47 -31.58 14.91
N GLY A 111 24.04 -30.70 14.08
CA GLY A 111 24.12 -30.99 12.66
C GLY A 111 22.87 -30.57 11.93
N GLN A 112 21.88 -30.08 12.69
CA GLN A 112 20.61 -29.63 12.11
C GLN A 112 20.56 -28.10 12.04
N THR A 113 19.96 -27.59 10.98
CA THR A 113 19.85 -26.15 10.79
C THR A 113 18.43 -25.73 10.44
N VAL A 114 17.88 -24.84 11.25
CA VAL A 114 16.53 -24.31 11.02
C VAL A 114 16.68 -23.04 10.18
N VAL A 115 15.90 -22.90 9.12
CA VAL A 115 15.98 -21.71 8.26
C VAL A 115 14.58 -21.13 8.03
N HIS A 116 14.37 -19.90 8.48
CA HIS A 116 13.09 -19.25 8.29
C HIS A 116 13.25 -17.81 7.94
N SER A 117 12.27 -17.30 7.20
CA SER A 117 12.29 -15.91 6.75
C SER A 117 11.81 -14.91 7.78
N GLY A 118 11.05 -15.37 8.77
CA GLY A 118 10.56 -14.46 9.79
C GLY A 118 11.00 -14.85 11.19
N ASP A 119 10.12 -14.67 12.16
CA ASP A 119 10.44 -15.01 13.53
C ASP A 119 10.43 -16.52 13.69
N VAL A 120 11.24 -17.03 14.60
CA VAL A 120 11.30 -18.45 14.86
C VAL A 120 11.06 -18.66 16.35
N ILE A 121 10.15 -19.57 16.68
CA ILE A 121 9.87 -19.87 18.07
C ILE A 121 10.08 -21.37 18.27
N VAL A 122 10.98 -21.71 19.18
CA VAL A 122 11.26 -23.11 19.46
C VAL A 122 10.86 -23.51 20.87
N PHE A 123 9.88 -24.40 20.99
CA PHE A 123 9.50 -24.87 22.30
C PHE A 123 10.29 -26.16 22.48
N GLY A 124 11.56 -25.97 22.81
CA GLY A 124 12.48 -27.07 23.01
C GLY A 124 13.86 -26.45 23.19
N ASN A 125 14.90 -27.17 22.82
CA ASN A 125 16.27 -26.65 22.96
C ASN A 125 17.01 -26.65 21.63
N VAL A 126 18.03 -25.81 21.56
CA VAL A 126 18.88 -25.73 20.37
C VAL A 126 20.26 -26.27 20.81
N ASN A 127 20.52 -27.54 20.53
CA ASN A 127 21.79 -28.19 20.89
C ASN A 127 23.05 -27.54 20.32
N LYS A 128 24.20 -27.87 20.91
CA LYS A 128 25.50 -27.31 20.51
C LYS A 128 25.87 -27.21 19.03
N GLY A 129 25.66 -28.28 18.27
CA GLY A 129 26.01 -28.25 16.86
C GLY A 129 24.88 -27.77 15.98
N ALA A 130 23.82 -27.27 16.62
CA ALA A 130 22.66 -26.80 15.89
C ALA A 130 22.81 -25.34 15.51
N GLU A 131 22.06 -24.92 14.51
CA GLU A 131 22.10 -23.54 14.06
C GLU A 131 20.71 -23.12 13.62
N ILE A 132 20.42 -21.84 13.79
CA ILE A 132 19.14 -21.27 13.41
C ILE A 132 19.41 -20.01 12.59
N LEU A 133 18.89 -19.98 11.37
CA LEU A 133 19.06 -18.80 10.52
C LEU A 133 17.67 -18.20 10.42
N ALA A 134 17.47 -17.06 11.06
CA ALA A 134 16.16 -16.41 11.04
C ALA A 134 16.20 -15.02 10.43
N GLY A 135 15.25 -14.76 9.54
CA GLY A 135 15.18 -13.44 8.93
C GLY A 135 14.69 -12.45 9.97
N GLY A 136 14.04 -12.96 11.02
CA GLY A 136 13.53 -12.10 12.06
C GLY A 136 14.08 -12.43 13.44
N SER A 137 13.21 -12.38 14.44
CA SER A 137 13.63 -12.67 15.81
C SER A 137 13.61 -14.16 16.10
N VAL A 138 14.24 -14.54 17.21
CA VAL A 138 14.28 -15.93 17.63
C VAL A 138 13.96 -16.07 19.12
N VAL A 139 13.02 -16.95 19.45
CA VAL A 139 12.71 -17.20 20.85
C VAL A 139 12.85 -18.70 21.05
N VAL A 140 13.72 -19.07 21.97
CA VAL A 140 13.93 -20.48 22.27
C VAL A 140 13.40 -20.70 23.67
N PHE A 141 12.26 -21.37 23.78
CA PHE A 141 11.67 -21.64 25.07
C PHE A 141 12.37 -22.88 25.62
N GLY A 142 13.63 -22.73 25.97
CA GLY A 142 14.42 -23.83 26.50
C GLY A 142 15.87 -23.41 26.54
N LYS A 143 16.78 -24.37 26.48
CA LYS A 143 18.20 -24.05 26.50
C LYS A 143 18.71 -23.84 25.07
N ALA A 144 19.34 -22.71 24.83
CA ALA A 144 19.88 -22.38 23.51
C ALA A 144 21.41 -22.47 23.54
N GLN A 145 21.97 -23.42 22.79
CA GLN A 145 23.42 -23.58 22.75
C GLN A 145 24.11 -23.39 21.39
N GLY A 146 23.50 -23.85 20.30
CA GLY A 146 24.14 -23.71 19.01
C GLY A 146 24.45 -22.29 18.59
N ASN A 147 24.36 -22.03 17.30
CA ASN A 147 24.60 -20.70 16.75
C ASN A 147 23.26 -20.13 16.31
N ILE A 148 22.92 -18.94 16.80
CA ILE A 148 21.67 -18.31 16.44
C ILE A 148 21.93 -17.02 15.65
N ARG A 149 21.47 -17.00 14.41
CA ARG A 149 21.66 -15.83 13.55
C ARG A 149 20.27 -15.27 13.21
N ALA A 150 19.96 -14.11 13.75
CA ALA A 150 18.66 -13.47 13.54
C ALA A 150 18.75 -12.15 12.80
N GLY A 151 17.58 -11.62 12.42
CA GLY A 151 17.50 -10.35 11.73
C GLY A 151 18.08 -10.33 10.34
N LEU A 152 18.43 -11.51 9.82
CA LEU A 152 19.02 -11.63 8.50
C LEU A 152 18.22 -10.93 7.40
N ASN A 153 16.94 -10.67 7.66
CA ASN A 153 16.08 -9.98 6.69
C ASN A 153 15.56 -8.65 7.23
N GLU A 154 15.05 -8.67 8.45
CA GLU A 154 14.46 -7.47 9.03
C GLU A 154 15.48 -6.47 9.58
N GLY A 155 16.62 -6.95 10.04
CA GLY A 155 17.61 -6.02 10.54
C GLY A 155 17.93 -5.99 12.02
N GLY A 156 18.49 -4.86 12.43
CA GLY A 156 18.91 -4.65 13.80
C GLY A 156 17.89 -4.66 14.91
N GLN A 157 16.62 -4.44 14.58
CA GLN A 157 15.61 -4.44 15.62
C GLN A 157 15.24 -5.85 16.04
N ALA A 158 15.75 -6.84 15.30
CA ALA A 158 15.48 -8.23 15.61
C ALA A 158 16.11 -8.56 16.95
N VAL A 159 15.60 -9.60 17.59
CA VAL A 159 16.06 -10.00 18.90
C VAL A 159 16.23 -11.51 19.04
N VAL A 160 17.05 -11.95 19.99
CA VAL A 160 17.26 -13.36 20.25
C VAL A 160 17.06 -13.59 21.74
N ALA A 161 16.13 -14.48 22.08
CA ALA A 161 15.83 -14.77 23.47
C ALA A 161 15.71 -16.26 23.76
N ALA A 162 16.08 -16.64 24.98
CA ALA A 162 16.02 -18.03 25.41
C ALA A 162 15.85 -18.11 26.92
N LEU A 163 15.34 -19.25 27.39
CA LEU A 163 15.17 -19.46 28.83
C LEU A 163 16.56 -19.64 29.44
N ASP A 164 17.48 -20.16 28.63
CA ASP A 164 18.88 -20.37 29.03
C ASP A 164 19.72 -20.08 27.78
N LEU A 165 20.17 -18.85 27.66
CA LEU A 165 20.96 -18.38 26.51
C LEU A 165 22.45 -18.69 26.57
N GLN A 166 22.80 -19.96 26.39
CA GLN A 166 24.20 -20.39 26.41
C GLN A 166 24.65 -20.73 24.99
N THR A 167 24.55 -19.75 24.10
CA THR A 167 24.92 -19.97 22.71
C THR A 167 26.39 -19.75 22.40
N SER A 168 26.90 -20.54 21.46
CA SER A 168 28.29 -20.43 21.02
C SER A 168 28.46 -19.12 20.26
N LEU A 169 27.42 -18.75 19.52
CA LEU A 169 27.45 -17.53 18.74
C LEU A 169 26.05 -16.98 18.53
N ILE A 170 25.96 -15.65 18.47
CA ILE A 170 24.70 -14.96 18.24
C ILE A 170 24.95 -13.80 17.29
N GLN A 171 24.24 -13.81 16.18
CA GLN A 171 24.36 -12.75 15.20
C GLN A 171 22.99 -12.11 15.08
N ILE A 172 22.97 -10.81 14.84
CA ILE A 172 21.74 -10.07 14.66
C ILE A 172 22.07 -9.04 13.60
N ALA A 173 21.56 -9.26 12.39
CA ALA A 173 21.83 -8.37 11.29
C ALA A 173 23.34 -8.42 11.08
N GLY A 174 23.97 -7.25 10.99
CA GLY A 174 25.41 -7.21 10.79
C GLY A 174 26.24 -7.42 12.04
N PHE A 175 25.60 -7.40 13.21
CA PHE A 175 26.32 -7.57 14.47
C PHE A 175 26.49 -9.01 14.89
N ILE A 176 27.50 -9.25 15.73
CA ILE A 176 27.78 -10.58 16.26
C ILE A 176 28.29 -10.44 17.69
N THR A 177 28.31 -11.56 18.41
CA THR A 177 28.79 -11.59 19.79
C THR A 177 28.89 -13.05 20.22
N HIS A 178 29.78 -13.32 21.17
CA HIS A 178 29.97 -14.67 21.66
C HIS A 178 29.60 -14.74 23.14
N SER A 179 29.26 -13.59 23.71
CA SER A 179 28.88 -13.52 25.11
C SER A 179 27.54 -14.24 25.31
N LYS A 180 27.37 -14.81 26.49
CA LYS A 180 26.15 -15.56 26.80
C LYS A 180 25.39 -14.95 27.97
N GLY A 181 24.20 -15.47 28.23
CA GLY A 181 23.40 -14.96 29.33
C GLY A 181 23.64 -15.76 30.60
N GLU A 182 23.28 -15.18 31.74
CA GLU A 182 23.45 -15.85 33.02
C GLU A 182 22.74 -17.19 33.04
N GLU A 183 23.33 -18.16 33.72
CA GLU A 183 22.77 -19.50 33.80
C GLU A 183 21.30 -19.52 34.23
N ASN A 184 20.50 -20.30 33.51
CA ASN A 184 19.08 -20.45 33.78
C ASN A 184 18.31 -19.15 34.07
N VAL A 185 18.68 -18.09 33.36
CA VAL A 185 18.03 -16.80 33.53
C VAL A 185 17.52 -16.31 32.18
N PRO A 186 16.19 -16.33 31.98
CA PRO A 186 15.62 -15.86 30.71
C PRO A 186 16.27 -14.57 30.28
N SER A 187 17.02 -14.62 29.19
CA SER A 187 17.71 -13.44 28.70
C SER A 187 17.37 -13.04 27.28
N ILE A 188 17.67 -11.78 26.96
CA ILE A 188 17.37 -11.23 25.64
C ILE A 188 18.57 -10.52 25.05
N ALA A 189 18.99 -10.96 23.86
CA ALA A 189 20.10 -10.34 23.17
C ALA A 189 19.52 -9.38 22.13
N HIS A 190 19.88 -8.11 22.20
CA HIS A 190 19.39 -7.15 21.22
C HIS A 190 20.44 -6.11 20.91
N VAL A 191 20.20 -5.35 19.85
CA VAL A 191 21.14 -4.33 19.44
C VAL A 191 20.87 -3.00 20.12
N LYS A 192 21.79 -2.60 21.00
CA LYS A 192 21.70 -1.35 21.74
C LYS A 192 23.03 -0.64 21.56
N GLY A 193 23.02 0.69 21.58
CA GLY A 193 24.26 1.43 21.40
C GLY A 193 24.73 1.19 19.97
N ASN A 194 25.45 0.10 19.76
CA ASN A 194 25.94 -0.26 18.43
C ASN A 194 26.60 -1.63 18.51
N ARG A 195 26.20 -2.39 19.52
CA ARG A 195 26.72 -3.73 19.73
C ARG A 195 25.53 -4.57 20.20
N ILE A 196 25.76 -5.86 20.39
CA ILE A 196 24.71 -6.73 20.86
C ILE A 196 24.81 -6.80 22.38
N VAL A 197 23.71 -6.48 23.05
CA VAL A 197 23.65 -6.50 24.49
C VAL A 197 22.81 -7.67 24.98
N ILE A 198 23.20 -8.27 26.09
CA ILE A 198 22.46 -9.39 26.65
C ILE A 198 22.08 -9.08 28.08
N GLU A 199 20.78 -8.92 28.32
CA GLU A 199 20.29 -8.63 29.66
C GLU A 199 19.10 -9.50 30.02
N PRO A 200 18.95 -9.83 31.31
CA PRO A 200 17.82 -10.66 31.75
C PRO A 200 16.49 -10.05 31.33
N PHE A 201 15.45 -10.88 31.27
CA PHE A 201 14.14 -10.41 30.85
C PHE A 201 13.60 -9.28 31.72
N ASP A 202 13.79 -9.38 33.03
CA ASP A 202 13.28 -8.37 33.95
C ASP A 202 14.01 -7.04 34.00
N LYS A 203 15.02 -6.84 33.15
CA LYS A 203 15.74 -5.58 33.14
C LYS A 203 16.15 -5.15 31.74
N VAL A 204 15.40 -5.61 30.75
CA VAL A 204 15.69 -5.27 29.36
C VAL A 204 15.32 -3.82 29.07
N SER A 205 16.17 -3.14 28.32
CA SER A 205 15.90 -1.76 27.94
C SER A 205 16.29 -1.58 26.47
N PHE A 206 15.27 -1.62 25.61
CA PHE A 206 15.46 -1.48 24.17
C PHE A 206 15.72 -0.03 23.76
N VAL B 2 -19.44 -4.75 2.99
CA VAL B 2 -18.30 -3.87 3.39
C VAL B 2 -18.42 -2.46 2.80
N ASP B 3 -18.28 -1.45 3.65
CA ASP B 3 -18.36 -0.06 3.21
C ASP B 3 -17.86 0.90 4.29
N PHE B 4 -17.27 2.01 3.88
CA PHE B 4 -16.81 3.00 4.86
C PHE B 4 -17.89 4.03 5.11
N LYS B 5 -18.09 4.38 6.38
CA LYS B 5 -19.08 5.36 6.78
C LYS B 5 -18.39 6.47 7.56
N MET B 6 -18.65 7.72 7.21
CA MET B 6 -18.08 8.83 7.97
C MET B 6 -19.13 9.08 9.05
N THR B 7 -18.71 9.07 10.30
CA THR B 7 -19.65 9.24 11.42
C THR B 7 -19.12 10.19 12.47
N LYS B 8 -19.82 10.24 13.59
CA LYS B 8 -19.39 11.08 14.70
C LYS B 8 -18.22 10.37 15.39
N GLU B 9 -18.04 9.09 15.08
CA GLU B 9 -16.95 8.31 15.65
C GLU B 9 -15.71 8.41 14.76
N GLY B 10 -15.84 9.16 13.66
CA GLY B 10 -14.76 9.30 12.71
C GLY B 10 -15.04 8.28 11.62
N LEU B 11 -14.06 7.95 10.79
CA LEU B 11 -14.28 6.98 9.72
C LEU B 11 -14.43 5.58 10.31
N VAL B 12 -15.45 4.87 9.84
CA VAL B 12 -15.74 3.52 10.32
C VAL B 12 -15.91 2.50 9.19
N LEU B 13 -15.20 1.37 9.29
CA LEU B 13 -15.35 0.33 8.30
C LEU B 13 -16.45 -0.57 8.81
N LEU B 14 -17.54 -0.64 8.06
CA LEU B 14 -18.68 -1.46 8.44
C LEU B 14 -18.66 -2.73 7.60
N ILE B 15 -18.72 -3.87 8.27
CA ILE B 15 -18.73 -5.19 7.63
C ILE B 15 -20.05 -5.86 8.02
N LYS B 16 -20.91 -6.11 7.05
CA LYS B 16 -22.20 -6.74 7.33
C LYS B 16 -22.02 -8.24 7.57
N ASP B 17 -23.01 -8.86 8.20
CA ASP B 17 -22.93 -10.29 8.49
C ASP B 17 -22.51 -11.02 7.23
N TYR B 18 -21.56 -11.94 7.37
CA TYR B 18 -21.05 -12.66 6.21
C TYR B 18 -20.81 -14.13 6.52
N GLN B 19 -20.43 -14.87 5.48
CA GLN B 19 -20.16 -16.30 5.59
C GLN B 19 -18.76 -16.64 5.08
N ASN B 20 -18.21 -15.81 4.21
CA ASN B 20 -16.89 -16.06 3.66
C ASN B 20 -15.94 -14.91 4.02
N LEU B 21 -14.94 -15.19 4.86
CA LEU B 21 -14.00 -14.16 5.26
C LEU B 21 -13.19 -13.71 4.06
N GLU B 22 -12.87 -14.66 3.18
CA GLU B 22 -12.09 -14.38 1.98
C GLU B 22 -12.72 -13.26 1.16
N GLU B 23 -14.05 -13.27 1.07
CA GLU B 23 -14.75 -12.25 0.30
C GLU B 23 -14.74 -10.91 0.99
N VAL B 24 -14.87 -10.92 2.32
CA VAL B 24 -14.86 -9.68 3.09
C VAL B 24 -13.53 -8.95 2.89
N LEU B 25 -12.43 -9.67 3.09
CA LEU B 25 -11.10 -9.11 2.93
C LEU B 25 -10.90 -8.54 1.51
N ASN B 26 -11.31 -9.31 0.51
CA ASN B 26 -11.22 -8.87 -0.88
C ASN B 26 -12.10 -7.65 -1.14
N ALA B 27 -13.18 -7.55 -0.38
CA ALA B 27 -14.12 -6.43 -0.49
C ALA B 27 -13.46 -5.23 0.13
N ILE B 28 -12.80 -5.45 1.27
CA ILE B 28 -12.10 -4.36 1.92
C ILE B 28 -11.04 -3.81 0.94
N SER B 29 -10.26 -4.71 0.34
CA SER B 29 -9.22 -4.31 -0.61
C SER B 29 -9.82 -3.56 -1.80
N ALA B 30 -10.88 -4.11 -2.37
CA ALA B 30 -11.53 -3.46 -3.49
C ALA B 30 -12.03 -2.07 -3.04
N ARG B 31 -12.60 -2.01 -1.86
CA ARG B 31 -13.11 -0.74 -1.35
C ARG B 31 -12.00 0.29 -1.20
N ILE B 32 -10.87 -0.13 -0.65
CA ILE B 32 -9.74 0.76 -0.46
C ILE B 32 -9.24 1.25 -1.82
N THR B 33 -8.97 0.31 -2.72
CA THR B 33 -8.46 0.64 -4.05
C THR B 33 -9.33 1.66 -4.77
N GLN B 34 -10.64 1.60 -4.56
CA GLN B 34 -11.57 2.53 -5.21
C GLN B 34 -11.34 4.00 -4.82
N MET B 35 -10.70 4.23 -3.68
CA MET B 35 -10.45 5.60 -3.21
C MET B 35 -9.28 6.30 -3.90
N GLY B 36 -8.47 5.54 -4.63
CA GLY B 36 -7.35 6.11 -5.33
C GLY B 36 -6.24 6.70 -4.48
N GLY B 37 -5.86 5.99 -3.42
CA GLY B 37 -4.79 6.46 -2.55
C GLY B 37 -5.14 7.62 -1.63
N PHE B 38 -6.34 7.59 -1.09
CA PHE B 38 -6.82 8.65 -0.20
C PHE B 38 -6.16 8.66 1.19
N PHE B 39 -5.97 7.48 1.76
CA PHE B 39 -5.39 7.37 3.10
C PHE B 39 -3.91 7.72 3.22
N ALA B 40 -3.58 8.38 4.32
CA ALA B 40 -2.21 8.78 4.63
C ALA B 40 -1.53 7.65 5.41
N LYS B 41 -0.20 7.64 5.35
CA LYS B 41 0.62 6.62 6.00
C LYS B 41 0.11 6.02 7.32
N GLY B 42 -0.27 6.85 8.27
CA GLY B 42 -0.74 6.35 9.55
C GLY B 42 -2.21 6.49 9.91
N ASP B 43 -3.07 6.76 8.95
CA ASP B 43 -4.50 6.91 9.21
C ASP B 43 -5.16 5.77 10.01
N ARG B 44 -6.01 6.17 10.97
CA ARG B 44 -6.72 5.24 11.83
C ARG B 44 -8.21 5.18 11.50
N ILE B 45 -8.83 4.03 11.75
CA ILE B 45 -10.24 3.85 11.49
C ILE B 45 -10.85 3.01 12.61
N SER B 46 -12.16 3.11 12.77
CA SER B 46 -12.86 2.30 13.77
C SER B 46 -13.44 1.17 12.95
N LEU B 47 -13.64 0.02 13.58
CA LEU B 47 -14.16 -1.15 12.89
C LEU B 47 -15.46 -1.63 13.52
N MET B 48 -16.43 -2.01 12.70
CA MET B 48 -17.70 -2.49 13.20
C MET B 48 -18.18 -3.66 12.36
N ILE B 49 -18.40 -4.79 13.03
CA ILE B 49 -18.84 -5.99 12.34
C ILE B 49 -20.24 -6.40 12.81
N GLU B 50 -21.17 -6.53 11.89
CA GLU B 50 -22.54 -6.93 12.22
C GLU B 50 -22.49 -8.34 12.79
N ASN B 51 -23.30 -8.62 13.79
CA ASN B 51 -23.32 -9.95 14.39
C ASN B 51 -21.88 -10.33 14.77
N HIS B 52 -21.24 -9.44 15.53
CA HIS B 52 -19.88 -9.63 15.96
C HIS B 52 -19.57 -11.00 16.57
N ASN B 53 -20.43 -11.45 17.48
CA ASN B 53 -20.24 -12.73 18.14
C ASN B 53 -19.95 -13.89 17.22
N LYS B 54 -20.57 -13.89 16.05
CA LYS B 54 -20.35 -14.96 15.09
C LYS B 54 -19.02 -14.80 14.35
N HIS B 55 -18.41 -13.62 14.41
CA HIS B 55 -17.16 -13.40 13.68
C HIS B 55 -15.95 -12.98 14.49
N SER B 56 -16.07 -12.94 15.81
CA SER B 56 -14.98 -12.54 16.70
C SER B 56 -13.61 -13.17 16.41
N GLN B 57 -13.60 -14.40 15.92
CA GLN B 57 -12.32 -15.05 15.66
C GLN B 57 -11.66 -14.57 14.38
N ASP B 58 -12.37 -13.74 13.61
CA ASP B 58 -11.84 -13.20 12.37
C ASP B 58 -11.23 -11.82 12.59
N ILE B 59 -11.38 -11.31 13.81
CA ILE B 59 -10.86 -9.99 14.14
C ILE B 59 -9.37 -9.82 13.82
N PRO B 60 -8.52 -10.74 14.31
CA PRO B 60 -7.07 -10.61 14.01
C PRO B 60 -6.75 -10.50 12.52
N ARG B 61 -7.35 -11.35 11.69
CA ARG B 61 -7.08 -11.30 10.26
C ARG B 61 -7.62 -10.05 9.58
N ILE B 62 -8.74 -9.52 10.04
CA ILE B 62 -9.30 -8.31 9.44
C ILE B 62 -8.45 -7.13 9.87
N VAL B 63 -8.04 -7.12 11.12
CA VAL B 63 -7.22 -6.00 11.57
C VAL B 63 -5.88 -6.00 10.82
N SER B 64 -5.29 -7.19 10.63
CA SER B 64 -4.00 -7.29 9.94
C SER B 64 -4.13 -6.96 8.47
N HIS B 65 -5.19 -7.45 7.84
CA HIS B 65 -5.41 -7.15 6.44
C HIS B 65 -5.41 -5.63 6.29
N LEU B 66 -6.06 -4.95 7.24
CA LEU B 66 -6.14 -3.48 7.24
C LEU B 66 -4.76 -2.84 7.41
N ARG B 67 -3.93 -3.42 8.27
CA ARG B 67 -2.58 -2.90 8.49
C ARG B 67 -1.70 -3.10 7.26
N ASN B 68 -1.89 -4.24 6.61
CA ASN B 68 -1.15 -4.56 5.41
C ASN B 68 -1.53 -3.60 4.28
N LEU B 69 -2.57 -2.80 4.52
CA LEU B 69 -3.01 -1.84 3.52
C LEU B 69 -2.73 -0.43 3.98
N GLY B 70 -2.09 -0.31 5.15
CA GLY B 70 -1.74 0.99 5.67
C GLY B 70 -2.69 1.60 6.69
N LEU B 71 -3.77 0.89 7.01
CA LEU B 71 -4.74 1.42 7.96
C LEU B 71 -4.61 0.84 9.36
N GLU B 72 -4.62 1.71 10.36
CA GLU B 72 -4.54 1.24 11.72
C GLU B 72 -5.94 1.25 12.32
N VAL B 73 -6.32 0.13 12.93
CA VAL B 73 -7.63 0.05 13.58
C VAL B 73 -7.49 0.57 15.00
N SER B 74 -8.16 1.68 15.29
CA SER B 74 -8.08 2.31 16.60
C SER B 74 -9.04 1.73 17.64
N GLN B 75 -10.18 1.23 17.18
CA GLN B 75 -11.16 0.67 18.10
C GLN B 75 -12.12 -0.23 17.35
N ILE B 76 -12.73 -1.15 18.09
CA ILE B 76 -13.71 -2.05 17.52
C ILE B 76 -15.01 -1.61 18.15
N LEU B 77 -16.01 -1.38 17.32
CA LEU B 77 -17.30 -0.91 17.80
C LEU B 77 -18.34 -2.00 17.70
N VAL B 78 -19.13 -2.15 18.76
CA VAL B 78 -20.22 -3.11 18.76
C VAL B 78 -21.45 -2.20 18.69
N GLY B 79 -22.33 -2.47 17.74
CA GLY B 79 -23.53 -1.68 17.56
C GLY B 79 -24.13 -1.89 16.19
N SER B 80 -24.85 -0.90 15.67
CA SER B 80 -25.44 -1.03 14.33
C SER B 80 -25.76 0.33 13.72
N THR B 81 -26.14 0.33 12.44
CA THR B 81 -26.47 1.58 11.76
C THR B 81 -27.97 1.86 11.75
N VAL B 82 -28.32 3.13 11.62
CA VAL B 82 -29.73 3.53 11.57
C VAL B 82 -30.24 3.28 10.15
N GLU B 83 -31.42 2.69 10.05
CA GLU B 83 -32.05 2.34 8.78
C GLU B 83 -31.84 3.25 7.58
N GLY B 84 -32.36 4.47 7.61
CA GLY B 84 -32.20 5.35 6.46
C GLY B 84 -31.06 6.35 6.57
N LYS B 85 -30.21 6.17 7.57
CA LYS B 85 -29.10 7.07 7.80
C LYS B 85 -27.91 6.29 8.35
N GLU B 86 -27.41 5.36 7.55
CA GLU B 86 -26.30 4.51 7.95
C GLU B 86 -25.03 5.24 8.39
N ASN B 87 -24.96 6.55 8.18
CA ASN B 87 -23.80 7.29 8.63
C ASN B 87 -23.95 7.64 10.11
N ASP B 88 -25.11 7.32 10.68
CA ASP B 88 -25.36 7.55 12.10
C ASP B 88 -25.30 6.17 12.76
N LEU B 89 -24.44 6.02 13.78
CA LEU B 89 -24.29 4.72 14.44
C LEU B 89 -24.91 4.60 15.83
N LYS B 90 -25.34 3.38 16.14
CA LYS B 90 -25.90 3.04 17.44
C LYS B 90 -24.81 2.18 18.08
N VAL B 91 -23.94 2.83 18.85
CA VAL B 91 -22.83 2.13 19.50
C VAL B 91 -23.15 1.66 20.92
N GLN B 92 -23.37 0.36 21.10
CA GLN B 92 -23.67 -0.15 22.42
C GLN B 92 -22.39 -0.58 23.13
N SER B 93 -21.28 -0.59 22.41
CA SER B 93 -20.02 -1.00 23.00
C SER B 93 -18.80 -0.72 22.12
N ARG B 94 -17.65 -0.52 22.76
CA ARG B 94 -16.41 -0.26 22.04
C ARG B 94 -15.21 -0.84 22.79
N THR B 95 -14.11 -1.01 22.07
CA THR B 95 -12.87 -1.55 22.62
C THR B 95 -11.67 -0.98 21.86
N THR B 96 -10.76 -0.37 22.59
CA THR B 96 -9.56 0.20 21.99
C THR B 96 -8.58 -0.89 21.57
N VAL B 97 -7.91 -0.65 20.45
CA VAL B 97 -6.92 -1.58 19.92
C VAL B 97 -5.60 -0.83 19.87
N GLU B 98 -4.53 -1.50 20.28
CA GLU B 98 -3.20 -0.90 20.26
C GLU B 98 -2.60 -1.05 18.88
N SER B 99 -1.79 -0.08 18.47
CA SER B 99 -1.16 -0.20 17.17
C SER B 99 0.19 -0.85 17.42
N THR B 100 0.21 -2.18 17.30
CA THR B 100 1.43 -2.96 17.50
C THR B 100 1.56 -3.95 16.36
N GLY B 101 2.71 -4.62 16.31
CA GLY B 101 2.97 -5.61 15.28
C GLY B 101 3.23 -6.97 15.90
N LYS B 102 3.86 -7.87 15.16
CA LYS B 102 4.14 -9.22 15.65
C LYS B 102 4.98 -9.24 16.93
N VAL B 103 5.90 -8.29 17.06
CA VAL B 103 6.77 -8.22 18.24
C VAL B 103 6.51 -6.96 19.04
N ILE B 104 6.12 -7.15 20.31
CA ILE B 104 5.84 -6.02 21.18
C ILE B 104 6.91 -5.95 22.27
N LYS B 105 7.62 -4.82 22.30
CA LYS B 105 8.70 -4.61 23.27
C LYS B 105 8.27 -3.71 24.41
N ARG B 106 7.21 -4.09 25.10
CA ARG B 106 6.71 -3.29 26.21
C ARG B 106 5.62 -4.05 26.91
N ASN B 107 5.11 -3.47 27.99
CA ASN B 107 4.04 -4.10 28.74
C ASN B 107 2.70 -3.76 28.11
N ILE B 108 1.80 -4.73 28.12
CA ILE B 108 0.46 -4.54 27.60
C ILE B 108 -0.39 -4.26 28.82
N ARG B 109 -0.60 -2.97 29.08
CA ARG B 109 -1.36 -2.52 30.24
C ARG B 109 -2.83 -2.90 30.28
N SER B 110 -3.41 -2.74 31.46
CA SER B 110 -4.83 -3.03 31.69
C SER B 110 -5.68 -2.12 30.78
N GLY B 111 -6.71 -2.68 30.16
CA GLY B 111 -7.55 -1.90 29.28
C GLY B 111 -7.13 -1.99 27.82
N GLN B 112 -5.86 -2.31 27.58
CA GLN B 112 -5.35 -2.41 26.22
C GLN B 112 -5.65 -3.76 25.58
N THR B 113 -5.76 -3.77 24.25
CA THR B 113 -6.03 -4.99 23.50
C THR B 113 -5.09 -5.12 22.30
N VAL B 114 -4.25 -6.15 22.33
CA VAL B 114 -3.30 -6.42 21.25
C VAL B 114 -3.95 -7.38 20.27
N VAL B 115 -3.82 -7.09 18.98
CA VAL B 115 -4.41 -7.93 17.94
C VAL B 115 -3.40 -8.27 16.85
N HIS B 116 -3.41 -9.52 16.39
CA HIS B 116 -2.51 -9.91 15.33
C HIS B 116 -2.88 -11.24 14.72
N SER B 117 -2.88 -11.31 13.40
CA SER B 117 -3.27 -12.55 12.73
C SER B 117 -2.18 -13.62 12.73
N GLY B 118 -1.02 -13.29 13.28
CA GLY B 118 0.08 -14.26 13.31
C GLY B 118 0.44 -14.58 14.74
N ASP B 119 1.69 -14.98 14.94
CA ASP B 119 2.18 -15.30 16.27
C ASP B 119 2.60 -13.97 16.90
N VAL B 120 2.24 -13.80 18.16
CA VAL B 120 2.55 -12.58 18.89
C VAL B 120 3.63 -12.88 19.92
N ILE B 121 4.69 -12.07 19.95
CA ILE B 121 5.76 -12.27 20.92
C ILE B 121 5.83 -10.99 21.72
N VAL B 122 5.67 -11.10 23.04
CA VAL B 122 5.72 -9.94 23.89
C VAL B 122 6.94 -9.95 24.82
N PHE B 123 7.86 -9.03 24.58
CA PHE B 123 9.03 -8.94 25.45
C PHE B 123 8.64 -7.93 26.52
N GLY B 124 7.89 -8.42 27.51
CA GLY B 124 7.41 -7.60 28.60
C GLY B 124 6.23 -8.33 29.23
N ASN B 125 5.43 -7.66 30.04
CA ASN B 125 4.31 -8.34 30.67
C ASN B 125 2.95 -7.95 30.13
N VAL B 126 2.01 -8.87 30.27
CA VAL B 126 0.64 -8.65 29.87
C VAL B 126 -0.17 -8.56 31.16
N ASN B 127 -0.50 -7.35 31.58
CA ASN B 127 -1.25 -7.11 32.82
C ASN B 127 -2.66 -7.70 32.89
N LYS B 128 -3.19 -7.80 34.11
CA LYS B 128 -4.51 -8.36 34.35
C LYS B 128 -5.64 -7.87 33.46
N GLY B 129 -5.77 -6.56 33.33
CA GLY B 129 -6.84 -6.01 32.49
C GLY B 129 -6.52 -6.00 31.00
N ALA B 130 -5.44 -6.67 30.60
CA ALA B 130 -5.05 -6.71 29.19
C ALA B 130 -5.63 -7.88 28.45
N GLU B 131 -5.47 -7.87 27.14
CA GLU B 131 -5.96 -8.95 26.31
C GLU B 131 -5.19 -9.08 25.00
N ILE B 132 -5.08 -10.32 24.53
CA ILE B 132 -4.41 -10.58 23.28
C ILE B 132 -5.29 -11.45 22.42
N LEU B 133 -5.46 -11.05 21.17
CA LEU B 133 -6.22 -11.81 20.19
C LEU B 133 -5.21 -12.07 19.10
N ALA B 134 -4.82 -13.32 18.94
CA ALA B 134 -3.84 -13.66 17.93
C ALA B 134 -4.29 -14.81 17.07
N GLY B 135 -4.10 -14.65 15.76
CA GLY B 135 -4.46 -15.70 14.83
C GLY B 135 -3.58 -16.91 15.08
N GLY B 136 -2.38 -16.65 15.60
CA GLY B 136 -1.44 -17.73 15.86
C GLY B 136 -1.09 -17.95 17.33
N SER B 137 0.14 -18.38 17.56
CA SER B 137 0.61 -18.65 18.93
C SER B 137 0.99 -17.34 19.64
N VAL B 138 1.09 -17.42 20.97
CA VAL B 138 1.44 -16.26 21.77
C VAL B 138 2.51 -16.60 22.79
N VAL B 139 3.58 -15.83 22.81
CA VAL B 139 4.66 -16.06 23.75
C VAL B 139 4.96 -14.77 24.48
N VAL B 140 4.80 -14.79 25.80
CA VAL B 140 5.10 -13.63 26.61
C VAL B 140 6.38 -13.90 27.36
N PHE B 141 7.44 -13.19 26.99
CA PHE B 141 8.70 -13.38 27.68
C PHE B 141 8.64 -12.54 28.93
N GLY B 142 7.74 -12.93 29.82
CA GLY B 142 7.55 -12.22 31.07
C GLY B 142 6.32 -12.77 31.73
N LYS B 143 5.69 -11.99 32.61
CA LYS B 143 4.51 -12.43 33.32
C LYS B 143 3.22 -12.18 32.51
N ALA B 144 2.47 -13.25 32.30
CA ALA B 144 1.23 -13.17 31.55
C ALA B 144 -0.02 -13.26 32.41
N GLN B 145 -0.71 -12.13 32.55
CA GLN B 145 -1.97 -12.11 33.31
C GLN B 145 -3.00 -11.63 32.29
N GLY B 146 -4.25 -11.47 32.70
CA GLY B 146 -5.25 -11.02 31.75
C GLY B 146 -5.65 -12.13 30.81
N ASN B 147 -6.35 -11.79 29.72
CA ASN B 147 -6.80 -12.80 28.77
C ASN B 147 -5.95 -12.91 27.51
N ILE B 148 -5.72 -14.14 27.07
CA ILE B 148 -4.94 -14.40 25.86
C ILE B 148 -5.69 -15.40 24.98
N ARG B 149 -6.10 -14.94 23.81
CA ARG B 149 -6.83 -15.78 22.89
C ARG B 149 -5.97 -15.97 21.64
N ALA B 150 -5.53 -17.20 21.43
CA ALA B 150 -4.67 -17.53 20.31
C ALA B 150 -5.30 -18.59 19.44
N GLY B 151 -4.70 -18.83 18.27
CA GLY B 151 -5.22 -19.82 17.35
C GLY B 151 -6.53 -19.41 16.74
N LEU B 152 -6.84 -18.10 16.77
CA LEU B 152 -8.09 -17.64 16.22
C LEU B 152 -8.28 -17.90 14.72
N ASN B 153 -7.20 -18.09 13.98
CA ASN B 153 -7.32 -18.45 12.57
C ASN B 153 -6.37 -19.58 12.17
N GLU B 154 -5.38 -19.85 13.02
CA GLU B 154 -4.44 -20.94 12.74
C GLU B 154 -5.03 -22.27 13.17
N GLY B 155 -5.60 -22.31 14.37
CA GLY B 155 -6.20 -23.54 14.83
C GLY B 155 -5.71 -24.03 16.18
N GLY B 156 -6.07 -25.27 16.48
CA GLY B 156 -5.68 -25.87 17.74
C GLY B 156 -4.21 -26.18 17.89
N GLN B 157 -3.43 -26.03 16.82
CA GLN B 157 -2.00 -26.31 16.91
C GLN B 157 -1.22 -25.14 17.50
N ALA B 158 -1.87 -23.98 17.59
CA ALA B 158 -1.28 -22.79 18.15
C ALA B 158 -1.09 -22.97 19.65
N VAL B 159 -0.13 -22.26 20.22
CA VAL B 159 0.13 -22.40 21.65
C VAL B 159 0.32 -21.08 22.38
N VAL B 160 0.17 -21.13 23.70
CA VAL B 160 0.33 -19.96 24.55
C VAL B 160 1.35 -20.27 25.64
N ALA B 161 2.43 -19.51 25.68
CA ALA B 161 3.49 -19.72 26.65
C ALA B 161 3.94 -18.40 27.26
N ALA B 162 4.47 -18.46 28.48
CA ALA B 162 4.98 -17.30 29.19
C ALA B 162 5.99 -17.76 30.24
N LEU B 163 6.72 -16.81 30.82
CA LEU B 163 7.72 -17.13 31.85
C LEU B 163 6.98 -17.27 33.17
N ASP B 164 5.74 -16.80 33.18
CA ASP B 164 4.88 -16.87 34.35
C ASP B 164 3.45 -16.80 33.82
N LEU B 165 2.90 -17.99 33.54
CA LEU B 165 1.57 -18.10 32.97
C LEU B 165 0.45 -17.96 34.00
N GLN B 166 0.26 -16.75 34.50
CA GLN B 166 -0.78 -16.46 35.48
C GLN B 166 -1.96 -15.74 34.81
N THR B 167 -2.43 -16.30 33.70
CA THR B 167 -3.54 -15.70 32.95
C THR B 167 -4.90 -15.99 33.58
N SER B 168 -5.82 -15.04 33.45
CA SER B 168 -7.18 -15.21 33.97
C SER B 168 -7.94 -16.08 33.00
N LEU B 169 -7.48 -16.10 31.76
CA LEU B 169 -8.12 -16.89 30.72
C LEU B 169 -7.16 -17.08 29.56
N ILE B 170 -7.22 -18.27 28.97
CA ILE B 170 -6.41 -18.62 27.82
C ILE B 170 -7.31 -19.37 26.86
N GLN B 171 -7.35 -18.90 25.61
CA GLN B 171 -8.16 -19.55 24.60
C GLN B 171 -7.23 -19.95 23.46
N ILE B 172 -7.50 -21.11 22.89
CA ILE B 172 -6.73 -21.62 21.78
C ILE B 172 -7.71 -22.28 20.84
N ALA B 173 -8.04 -21.57 19.76
CA ALA B 173 -9.00 -22.06 18.79
C ALA B 173 -10.33 -22.19 19.53
N GLY B 174 -10.95 -23.36 19.46
CA GLY B 174 -12.23 -23.57 20.12
C GLY B 174 -12.16 -24.08 21.54
N PHE B 175 -11.00 -23.96 22.16
CA PHE B 175 -10.82 -24.43 23.54
C PHE B 175 -10.54 -23.27 24.48
N ILE B 176 -10.97 -23.42 25.73
CA ILE B 176 -10.76 -22.38 26.72
C ILE B 176 -10.35 -23.05 28.03
N THR B 177 -9.84 -22.25 28.96
CA THR B 177 -9.42 -22.75 30.25
C THR B 177 -9.05 -21.58 31.14
N HIS B 178 -9.17 -21.79 32.44
CA HIS B 178 -8.84 -20.75 33.39
C HIS B 178 -7.68 -21.18 34.26
N SER B 179 -7.19 -22.38 33.99
CA SER B 179 -6.06 -22.96 34.72
C SER B 179 -4.85 -22.05 34.53
N LYS B 180 -3.89 -22.14 35.46
CA LYS B 180 -2.71 -21.30 35.39
C LYS B 180 -1.44 -22.11 35.63
N GLY B 181 -0.32 -21.63 35.09
CA GLY B 181 0.95 -22.33 35.27
C GLY B 181 1.54 -22.11 36.65
N GLU B 182 2.53 -22.92 37.01
CA GLU B 182 3.20 -22.83 38.31
C GLU B 182 3.95 -21.52 38.49
N GLU B 183 3.96 -21.02 39.71
CA GLU B 183 4.65 -19.78 40.06
C GLU B 183 6.03 -19.73 39.41
N ASN B 184 6.32 -18.61 38.74
CA ASN B 184 7.61 -18.38 38.08
C ASN B 184 8.19 -19.53 37.28
N VAL B 185 7.33 -20.42 36.76
CA VAL B 185 7.81 -21.54 35.97
C VAL B 185 7.37 -21.45 34.51
N PRO B 186 8.29 -21.08 33.60
CA PRO B 186 7.95 -20.97 32.18
C PRO B 186 7.08 -22.14 31.75
N SER B 187 5.86 -21.86 31.35
CA SER B 187 4.95 -22.92 30.94
C SER B 187 4.30 -22.72 29.59
N ILE B 188 3.77 -23.82 29.05
CA ILE B 188 3.14 -23.78 27.75
C ILE B 188 1.73 -24.34 27.80
N ALA B 189 0.77 -23.58 27.30
CA ALA B 189 -0.61 -24.01 27.26
C ALA B 189 -0.83 -24.46 25.83
N HIS B 190 -1.18 -25.73 25.65
CA HIS B 190 -1.41 -26.25 24.31
C HIS B 190 -2.54 -27.28 24.30
N VAL B 191 -3.09 -27.53 23.12
CA VAL B 191 -4.18 -28.47 22.96
C VAL B 191 -3.70 -29.91 22.82
N LYS B 192 -3.81 -30.66 23.91
CA LYS B 192 -3.39 -32.06 23.96
C LYS B 192 -4.63 -32.91 24.29
N GLY B 193 -4.77 -34.04 23.61
CA GLY B 193 -5.92 -34.88 23.86
C GLY B 193 -7.15 -34.23 23.26
N ASN B 194 -7.70 -33.23 23.95
CA ASN B 194 -8.86 -32.50 23.46
C ASN B 194 -9.30 -31.43 24.45
N ARG B 195 -8.31 -30.85 25.12
CA ARG B 195 -8.52 -29.79 26.10
C ARG B 195 -7.19 -29.04 26.14
N ILE B 196 -7.14 -27.91 26.84
CA ILE B 196 -5.90 -27.17 26.92
C ILE B 196 -5.11 -27.58 28.16
N VAL B 197 -3.96 -28.19 27.92
CA VAL B 197 -3.09 -28.64 29.00
C VAL B 197 -1.99 -27.61 29.20
N ILE B 198 -1.60 -27.40 30.45
CA ILE B 198 -0.54 -26.46 30.79
C ILE B 198 0.56 -27.24 31.50
N GLU B 199 1.78 -27.20 30.96
CA GLU B 199 2.90 -27.90 31.58
C GLU B 199 4.21 -27.14 31.41
N PRO B 200 5.13 -27.27 32.39
CA PRO B 200 6.41 -26.58 32.32
C PRO B 200 7.13 -26.83 30.99
N PHE B 201 7.94 -25.85 30.58
CA PHE B 201 8.68 -25.93 29.33
C PHE B 201 9.54 -27.17 29.19
N ASP B 202 10.09 -27.64 30.31
CA ASP B 202 10.96 -28.79 30.34
C ASP B 202 10.28 -30.16 30.27
N LYS B 203 8.97 -30.20 30.51
CA LYS B 203 8.26 -31.46 30.46
C LYS B 203 7.06 -31.45 29.52
N VAL B 204 7.18 -30.67 28.44
CA VAL B 204 6.12 -30.56 27.45
C VAL B 204 6.12 -31.76 26.52
N SER B 205 4.94 -32.09 26.01
CA SER B 205 4.76 -33.19 25.07
C SER B 205 3.51 -32.88 24.26
N PHE B 206 3.73 -32.29 23.09
CA PHE B 206 2.64 -31.90 22.21
C PHE B 206 2.08 -33.09 21.44
N GLU B 207 1.49 -32.80 20.28
CA GLU B 207 0.93 -33.82 19.40
C GLU B 207 -0.21 -34.57 20.09
N MET C 1 15.78 -10.23 -7.78
CA MET C 1 14.34 -10.37 -7.42
C MET C 1 13.74 -8.98 -7.24
N VAL C 2 14.32 -8.21 -6.34
CA VAL C 2 13.88 -6.86 -6.06
C VAL C 2 15.09 -5.96 -6.30
N ASP C 3 14.99 -5.05 -7.25
CA ASP C 3 16.15 -4.22 -7.52
C ASP C 3 15.88 -2.76 -7.82
N PHE C 4 16.53 -1.90 -7.03
CA PHE C 4 16.42 -0.48 -7.23
C PHE C 4 17.34 -0.13 -8.39
N LYS C 5 16.87 0.74 -9.29
CA LYS C 5 17.70 1.14 -10.40
C LYS C 5 17.50 2.60 -10.71
N MET C 6 18.61 3.31 -10.92
CA MET C 6 18.56 4.73 -11.23
C MET C 6 18.37 4.86 -12.73
N THR C 7 17.21 5.39 -13.12
CA THR C 7 16.88 5.57 -14.52
C THR C 7 16.49 7.00 -14.81
N LYS C 8 16.22 7.29 -16.09
CA LYS C 8 15.82 8.62 -16.50
C LYS C 8 14.45 8.95 -15.90
N GLU C 9 13.89 7.96 -15.20
CA GLU C 9 12.59 8.12 -14.56
C GLU C 9 12.82 8.28 -13.05
N GLY C 10 14.09 8.38 -12.66
CA GLY C 10 14.43 8.52 -11.26
C GLY C 10 14.60 7.13 -10.65
N LEU C 11 14.60 7.06 -9.32
CA LEU C 11 14.74 5.78 -8.65
C LEU C 11 13.50 4.93 -8.90
N VAL C 12 13.70 3.77 -9.52
CA VAL C 12 12.63 2.84 -9.85
C VAL C 12 12.81 1.50 -9.16
N LEU C 13 11.84 1.09 -8.35
CA LEU C 13 11.94 -0.20 -7.70
C LEU C 13 11.40 -1.23 -8.68
N LEU C 14 12.31 -2.06 -9.19
CA LEU C 14 11.96 -3.11 -10.14
C LEU C 14 11.75 -4.44 -9.42
N ILE C 15 10.58 -5.03 -9.63
CA ILE C 15 10.22 -6.31 -9.02
C ILE C 15 9.99 -7.29 -10.16
N LYS C 16 10.77 -8.37 -10.18
CA LYS C 16 10.65 -9.36 -11.24
C LYS C 16 9.51 -10.33 -10.97
N ASP C 17 9.04 -11.01 -12.02
CA ASP C 17 7.95 -11.96 -11.90
C ASP C 17 8.21 -12.85 -10.69
N TYR C 18 7.26 -12.90 -9.76
CA TYR C 18 7.43 -13.69 -8.54
C TYR C 18 6.29 -14.66 -8.30
N GLN C 19 6.53 -15.64 -7.45
CA GLN C 19 5.53 -16.65 -7.13
C GLN C 19 4.91 -16.46 -5.76
N ASN C 20 5.53 -15.63 -4.93
CA ASN C 20 5.04 -15.43 -3.58
C ASN C 20 5.29 -14.00 -3.06
N LEU C 21 4.19 -13.25 -2.87
CA LEU C 21 4.25 -11.86 -2.40
C LEU C 21 4.97 -11.75 -1.05
N GLU C 22 4.74 -12.71 -0.17
CA GLU C 22 5.37 -12.72 1.16
C GLU C 22 6.89 -12.61 0.98
N GLU C 23 7.42 -13.42 0.07
CA GLU C 23 8.85 -13.45 -0.23
C GLU C 23 9.30 -12.07 -0.72
N VAL C 24 8.55 -11.51 -1.65
CA VAL C 24 8.86 -10.19 -2.20
C VAL C 24 8.92 -9.12 -1.12
N LEU C 25 7.92 -9.07 -0.25
CA LEU C 25 7.91 -8.06 0.80
C LEU C 25 9.13 -8.24 1.68
N ASN C 26 9.45 -9.49 2.01
CA ASN C 26 10.62 -9.81 2.83
C ASN C 26 11.87 -9.32 2.12
N ALA C 27 11.92 -9.55 0.81
CA ALA C 27 13.05 -9.13 0.00
C ALA C 27 13.15 -7.61 -0.01
N ILE C 28 12.02 -6.92 -0.10
CA ILE C 28 11.99 -5.46 -0.10
C ILE C 28 12.56 -4.95 1.22
N SER C 29 12.09 -5.51 2.34
CA SER C 29 12.59 -5.12 3.65
C SER C 29 14.10 -5.29 3.71
N ALA C 30 14.56 -6.52 3.46
CA ALA C 30 15.98 -6.83 3.49
C ALA C 30 16.75 -5.88 2.58
N ARG C 31 16.27 -5.71 1.36
CA ARG C 31 16.92 -4.82 0.39
C ARG C 31 17.11 -3.41 0.96
N ILE C 32 15.99 -2.71 1.19
CA ILE C 32 16.04 -1.35 1.73
C ILE C 32 16.85 -1.28 3.01
N THR C 33 16.70 -2.29 3.86
CA THR C 33 17.42 -2.37 5.12
C THR C 33 18.93 -2.37 4.91
N GLN C 34 19.40 -3.20 3.98
CA GLN C 34 20.81 -3.30 3.71
C GLN C 34 21.39 -2.05 3.04
N MET C 35 20.52 -1.26 2.41
CA MET C 35 20.96 -0.04 1.75
C MET C 35 20.99 1.12 2.74
N GLY C 36 20.34 0.92 3.88
CA GLY C 36 20.29 1.93 4.94
C GLY C 36 20.38 3.39 4.51
N GLY C 37 21.41 4.06 5.01
CA GLY C 37 21.64 5.47 4.72
C GLY C 37 21.22 6.02 3.37
N PHE C 38 21.47 5.26 2.31
CA PHE C 38 21.11 5.70 0.96
C PHE C 38 19.72 6.31 0.91
N PHE C 39 18.79 5.78 1.70
CA PHE C 39 17.42 6.26 1.72
C PHE C 39 17.04 7.22 2.83
N ALA C 40 16.14 8.14 2.51
CA ALA C 40 15.63 9.12 3.45
C ALA C 40 14.13 8.91 3.62
N LYS C 41 13.64 9.07 4.85
CA LYS C 41 12.23 8.86 5.18
C LYS C 41 11.19 9.47 4.22
N GLY C 42 11.58 10.41 3.38
CA GLY C 42 10.62 11.01 2.47
C GLY C 42 10.92 10.81 0.98
N ASP C 43 11.90 9.96 0.69
CA ASP C 43 12.30 9.70 -0.70
C ASP C 43 11.17 9.06 -1.50
N ARG C 44 10.96 9.57 -2.71
CA ARG C 44 9.92 9.04 -3.58
C ARG C 44 10.59 8.17 -4.62
N ILE C 45 9.89 7.12 -5.05
CA ILE C 45 10.42 6.21 -6.06
C ILE C 45 9.28 5.80 -6.94
N SER C 46 9.62 5.16 -8.06
CA SER C 46 8.62 4.64 -8.97
C SER C 46 8.62 3.13 -8.73
N LEU C 47 7.52 2.49 -9.10
CA LEU C 47 7.41 1.06 -8.91
C LEU C 47 7.04 0.39 -10.21
N MET C 48 7.77 -0.65 -10.55
CA MET C 48 7.53 -1.41 -11.77
C MET C 48 7.54 -2.88 -11.43
N ILE C 49 6.50 -3.59 -11.86
CA ILE C 49 6.42 -5.02 -11.61
C ILE C 49 6.33 -5.72 -12.97
N GLU C 50 7.24 -6.65 -13.21
CA GLU C 50 7.27 -7.35 -14.49
C GLU C 50 5.91 -7.79 -15.00
N ASN C 51 5.54 -9.03 -14.74
CA ASN C 51 4.26 -9.57 -15.19
C ASN C 51 3.13 -8.86 -14.43
N HIS C 52 3.00 -7.56 -14.64
CA HIS C 52 2.01 -6.73 -13.94
C HIS C 52 0.55 -7.18 -13.89
N ASN C 53 0.00 -7.63 -15.00
CA ASN C 53 -1.40 -8.06 -14.98
C ASN C 53 -1.60 -9.21 -14.00
N LYS C 54 -0.54 -9.95 -13.74
CA LYS C 54 -0.60 -11.09 -12.82
C LYS C 54 -0.42 -10.68 -11.35
N HIS C 55 0.11 -9.49 -11.10
CA HIS C 55 0.36 -9.06 -9.73
C HIS C 55 -0.35 -7.78 -9.32
N SER C 56 -1.12 -7.20 -10.22
CA SER C 56 -1.83 -5.95 -9.97
C SER C 56 -2.59 -5.91 -8.65
N GLN C 57 -3.08 -7.07 -8.19
CA GLN C 57 -3.82 -7.17 -6.94
C GLN C 57 -2.90 -6.96 -5.74
N ASP C 58 -1.61 -7.20 -5.95
CA ASP C 58 -0.62 -7.06 -4.89
C ASP C 58 -0.06 -5.65 -4.69
N ILE C 59 -0.29 -4.75 -5.64
CA ILE C 59 0.26 -3.40 -5.50
C ILE C 59 -0.08 -2.62 -4.24
N PRO C 60 -1.36 -2.60 -3.82
CA PRO C 60 -1.63 -1.83 -2.59
C PRO C 60 -0.77 -2.30 -1.42
N ARG C 61 -0.65 -3.61 -1.28
CA ARG C 61 0.15 -4.18 -0.20
C ARG C 61 1.62 -3.80 -0.34
N ILE C 62 2.13 -3.82 -1.56
CA ILE C 62 3.53 -3.48 -1.81
C ILE C 62 3.77 -2.00 -1.52
N VAL C 63 2.88 -1.14 -1.98
CA VAL C 63 3.00 0.30 -1.77
C VAL C 63 2.94 0.67 -0.29
N SER C 64 2.12 -0.06 0.47
CA SER C 64 2.00 0.21 1.90
C SER C 64 3.25 -0.24 2.66
N HIS C 65 3.75 -1.42 2.28
CA HIS C 65 4.95 -1.96 2.90
C HIS C 65 6.12 -1.00 2.63
N LEU C 66 6.19 -0.54 1.39
CA LEU C 66 7.23 0.40 1.00
C LEU C 66 7.06 1.67 1.83
N ARG C 67 5.81 2.05 2.10
CA ARG C 67 5.53 3.25 2.89
C ARG C 67 5.95 3.02 4.35
N ASN C 68 5.62 1.85 4.89
CA ASN C 68 5.99 1.54 6.26
C ASN C 68 7.51 1.60 6.42
N LEU C 69 8.24 1.24 5.37
CA LEU C 69 9.70 1.26 5.41
C LEU C 69 10.26 2.68 5.21
N GLY C 70 9.40 3.60 4.80
CA GLY C 70 9.84 4.97 4.61
C GLY C 70 9.90 5.47 3.19
N LEU C 71 9.50 4.65 2.23
CA LEU C 71 9.54 5.09 0.84
C LEU C 71 8.15 5.41 0.33
N GLU C 72 8.06 6.39 -0.56
CA GLU C 72 6.79 6.81 -1.12
C GLU C 72 6.74 6.48 -2.61
N VAL C 73 5.81 5.61 -2.99
CA VAL C 73 5.65 5.25 -4.39
C VAL C 73 4.84 6.37 -5.05
N SER C 74 5.43 7.01 -6.06
CA SER C 74 4.75 8.09 -6.75
C SER C 74 3.96 7.56 -7.94
N GLN C 75 4.59 6.69 -8.71
CA GLN C 75 3.94 6.13 -9.88
C GLN C 75 4.24 4.66 -10.12
N ILE C 76 3.29 3.98 -10.76
CA ILE C 76 3.44 2.58 -11.11
C ILE C 76 3.81 2.53 -12.59
N LEU C 77 5.04 2.16 -12.89
CA LEU C 77 5.52 2.07 -14.26
C LEU C 77 5.22 0.70 -14.84
N VAL C 78 4.96 0.65 -16.14
CA VAL C 78 4.66 -0.62 -16.79
C VAL C 78 5.59 -0.85 -17.96
N GLY C 79 6.08 -2.09 -18.06
CA GLY C 79 6.98 -2.47 -19.12
C GLY C 79 8.00 -3.45 -18.60
N SER C 80 9.27 -3.21 -18.91
CA SER C 80 10.33 -4.09 -18.46
C SER C 80 11.70 -3.46 -18.72
N THR C 81 12.74 -4.27 -18.51
CA THR C 81 14.11 -3.84 -18.71
C THR C 81 14.48 -4.01 -20.18
N VAL C 82 15.73 -3.77 -20.53
CA VAL C 82 16.20 -3.91 -21.90
C VAL C 82 17.62 -4.44 -21.96
N GLU C 83 17.76 -5.76 -21.96
CA GLU C 83 19.06 -6.42 -22.01
C GLU C 83 20.14 -5.65 -21.23
N ASP C 88 17.79 2.13 -18.33
CA ASP C 88 17.45 1.13 -19.33
C ASP C 88 16.14 0.40 -19.04
N LEU C 89 15.04 1.14 -19.13
CA LEU C 89 13.71 0.61 -18.89
C LEU C 89 12.75 1.16 -19.94
N LYS C 90 12.03 0.28 -20.62
CA LYS C 90 11.07 0.70 -21.64
C LYS C 90 9.69 0.89 -21.02
N VAL C 91 9.45 2.07 -20.46
CA VAL C 91 8.18 2.37 -19.84
C VAL C 91 7.12 2.64 -20.90
N GLN C 92 5.98 1.97 -20.75
CA GLN C 92 4.86 2.13 -21.67
C GLN C 92 3.72 2.73 -20.86
N SER C 93 2.92 1.87 -20.24
CA SER C 93 1.80 2.32 -19.42
C SER C 93 2.38 3.08 -18.22
N ARG C 94 1.57 3.93 -17.60
CA ARG C 94 2.04 4.72 -16.47
C ARG C 94 0.89 5.31 -15.67
N THR C 95 0.97 5.22 -14.34
CA THR C 95 -0.09 5.75 -13.48
C THR C 95 0.42 6.20 -12.11
N THR C 96 -0.28 7.18 -11.52
CA THR C 96 0.06 7.71 -10.21
C THR C 96 -0.69 6.93 -9.12
N VAL C 97 -0.11 6.82 -7.93
CA VAL C 97 -0.75 6.08 -6.85
C VAL C 97 -1.89 6.89 -6.23
N GLU C 98 -1.68 8.19 -6.08
CA GLU C 98 -2.72 9.05 -5.55
C GLU C 98 -3.50 9.61 -6.72
N SER C 99 -4.72 9.12 -6.91
CA SER C 99 -5.58 9.56 -7.99
C SER C 99 -5.82 11.06 -7.88
N THR C 100 -5.98 11.73 -9.01
CA THR C 100 -6.22 13.16 -9.01
C THR C 100 -7.71 13.51 -8.93
N GLY C 101 -8.57 12.49 -8.91
CA GLY C 101 -9.99 12.78 -8.82
C GLY C 101 -10.92 11.69 -9.29
N LYS C 102 -12.23 11.97 -9.23
CA LYS C 102 -13.27 11.04 -9.65
C LYS C 102 -14.60 11.73 -10.07
N VAL C 103 -15.24 11.19 -11.10
CA VAL C 103 -16.49 11.74 -11.58
C VAL C 103 -17.57 10.74 -11.20
N ILE C 104 -18.59 11.23 -10.50
CA ILE C 104 -19.72 10.40 -10.07
C ILE C 104 -20.96 10.83 -10.85
N LYS C 105 -21.54 9.89 -11.60
CA LYS C 105 -22.70 10.17 -12.42
C LYS C 105 -24.00 9.64 -11.84
N ARG C 106 -24.38 10.14 -10.66
CA ARG C 106 -25.61 9.71 -10.01
C ARG C 106 -25.71 10.47 -8.71
N ASN C 107 -26.85 10.35 -8.04
CA ASN C 107 -27.02 11.05 -6.78
C ASN C 107 -26.37 10.23 -5.68
N ILE C 108 -25.94 10.92 -4.63
CA ILE C 108 -25.35 10.27 -3.49
C ILE C 108 -26.47 10.29 -2.44
N ARG C 109 -26.99 9.11 -2.14
CA ARG C 109 -28.10 8.95 -1.21
C ARG C 109 -27.77 8.95 0.26
N SER C 110 -28.80 9.22 1.06
CA SER C 110 -28.70 9.26 2.51
C SER C 110 -28.01 7.98 2.99
N GLY C 111 -27.14 8.10 3.99
CA GLY C 111 -26.47 6.91 4.50
C GLY C 111 -25.26 6.45 3.70
N GLN C 112 -24.98 7.14 2.60
CA GLN C 112 -23.84 6.80 1.76
C GLN C 112 -22.65 7.71 2.04
N THR C 113 -21.46 7.16 1.96
CA THR C 113 -20.25 7.93 2.18
C THR C 113 -19.33 7.70 0.99
N VAL C 114 -18.86 8.80 0.42
CA VAL C 114 -17.96 8.76 -0.70
C VAL C 114 -16.59 9.21 -0.20
N VAL C 115 -15.59 8.40 -0.48
CA VAL C 115 -14.22 8.73 -0.09
C VAL C 115 -13.32 8.63 -1.31
N HIS C 116 -12.59 9.69 -1.61
CA HIS C 116 -11.70 9.64 -2.76
C HIS C 116 -10.65 10.73 -2.74
N SER C 117 -9.44 10.38 -3.14
CA SER C 117 -8.38 11.37 -3.18
C SER C 117 -8.67 12.31 -4.35
N GLY C 118 -8.07 13.49 -4.34
CA GLY C 118 -8.28 14.41 -5.43
C GLY C 118 -9.63 15.08 -5.43
N ASP C 119 -9.96 15.67 -6.58
CA ASP C 119 -11.20 16.38 -6.75
C ASP C 119 -12.34 15.44 -7.09
N VAL C 120 -13.47 15.59 -6.39
CA VAL C 120 -14.64 14.75 -6.63
C VAL C 120 -15.70 15.60 -7.30
N ILE C 121 -16.15 15.15 -8.47
CA ILE C 121 -17.18 15.86 -9.23
C ILE C 121 -18.41 14.98 -9.24
N VAL C 122 -19.54 15.50 -8.80
CA VAL C 122 -20.79 14.75 -8.78
C VAL C 122 -21.78 15.38 -9.73
N PHE C 123 -22.15 14.63 -10.76
CA PHE C 123 -23.14 15.15 -11.69
C PHE C 123 -24.43 14.58 -11.17
N GLY C 124 -25.00 15.32 -10.23
CA GLY C 124 -26.24 14.91 -9.61
C GLY C 124 -26.29 15.55 -8.26
N ASN C 125 -27.12 15.03 -7.37
CA ASN C 125 -27.24 15.62 -6.04
C ASN C 125 -26.61 14.83 -4.91
N VAL C 126 -26.38 15.54 -3.83
CA VAL C 126 -25.85 14.93 -2.61
C VAL C 126 -26.98 15.22 -1.62
N ASN C 127 -27.69 14.16 -1.24
CA ASN C 127 -28.84 14.25 -0.33
C ASN C 127 -28.45 14.43 1.12
N LYS C 128 -29.42 14.87 1.94
CA LYS C 128 -29.18 15.04 3.36
C LYS C 128 -28.83 13.64 3.85
N GLY C 129 -27.92 13.54 4.82
CA GLY C 129 -27.55 12.24 5.32
C GLY C 129 -26.41 11.58 4.55
N ALA C 130 -25.97 12.24 3.47
CA ALA C 130 -24.87 11.72 2.66
C ALA C 130 -23.56 12.35 3.13
N GLU C 131 -22.44 11.72 2.79
CA GLU C 131 -21.13 12.23 3.17
C GLU C 131 -20.14 12.15 2.01
N ILE C 132 -19.34 13.20 1.86
CA ILE C 132 -18.31 13.23 0.83
C ILE C 132 -17.01 13.60 1.47
N LEU C 133 -15.99 12.76 1.24
CA LEU C 133 -14.66 13.03 1.76
C LEU C 133 -13.77 13.05 0.53
N ALA C 134 -13.18 14.20 0.27
CA ALA C 134 -12.31 14.33 -0.89
C ALA C 134 -10.95 14.85 -0.47
N GLY C 135 -9.90 14.31 -1.08
CA GLY C 135 -8.56 14.78 -0.77
C GLY C 135 -8.39 16.18 -1.32
N GLY C 136 -9.14 16.50 -2.37
CA GLY C 136 -9.06 17.81 -2.98
C GLY C 136 -10.38 18.53 -2.94
N SER C 137 -10.73 19.19 -4.04
CA SER C 137 -11.97 19.92 -4.12
C SER C 137 -13.16 19.04 -4.47
N VAL C 138 -14.35 19.57 -4.24
CA VAL C 138 -15.58 18.87 -4.52
C VAL C 138 -16.50 19.79 -5.33
N VAL C 139 -17.10 19.24 -6.38
CA VAL C 139 -18.02 20.01 -7.19
C VAL C 139 -19.28 19.15 -7.39
N VAL C 140 -20.42 19.74 -7.04
CA VAL C 140 -21.72 19.09 -7.16
C VAL C 140 -22.55 19.79 -8.23
N PHE C 141 -22.67 19.20 -9.41
CA PHE C 141 -23.46 19.82 -10.45
C PHE C 141 -24.90 19.50 -10.18
N GLY C 142 -25.38 19.99 -9.04
CA GLY C 142 -26.75 19.75 -8.62
C GLY C 142 -26.93 20.34 -7.24
N LYS C 143 -27.95 19.88 -6.52
CA LYS C 143 -28.20 20.40 -5.18
C LYS C 143 -27.37 19.62 -4.16
N ALA C 144 -26.64 20.34 -3.33
CA ALA C 144 -25.79 19.73 -2.32
C ALA C 144 -26.31 19.92 -0.91
N GLN C 145 -26.49 18.81 -0.21
CA GLN C 145 -26.95 18.81 1.18
C GLN C 145 -25.99 17.88 1.91
N GLY C 146 -26.40 17.31 3.03
CA GLY C 146 -25.50 16.43 3.74
C GLY C 146 -24.18 17.10 4.10
N ASN C 147 -23.15 16.30 4.32
CA ASN C 147 -21.84 16.84 4.69
C ASN C 147 -20.78 16.61 3.64
N ILE C 148 -20.17 17.70 3.21
CA ILE C 148 -19.12 17.65 2.22
C ILE C 148 -17.84 18.11 2.87
N ARG C 149 -16.86 17.20 2.87
CA ARG C 149 -15.55 17.43 3.46
C ARG C 149 -14.54 17.40 2.30
N ALA C 150 -13.95 18.55 2.02
CA ALA C 150 -12.98 18.66 0.93
C ALA C 150 -11.60 19.05 1.42
N GLY C 151 -10.61 18.91 0.54
CA GLY C 151 -9.25 19.28 0.86
C GLY C 151 -8.59 18.52 1.99
N LEU C 152 -9.14 17.34 2.31
CA LEU C 152 -8.58 16.55 3.40
C LEU C 152 -7.13 16.15 3.16
N ASN C 153 -6.64 16.34 1.94
CA ASN C 153 -5.26 15.99 1.61
C ASN C 153 -4.44 17.13 1.02
N GLU C 154 -5.08 18.01 0.26
CA GLU C 154 -4.34 19.09 -0.36
C GLU C 154 -4.31 20.39 0.45
N GLY C 155 -5.21 20.53 1.40
CA GLY C 155 -5.17 21.74 2.21
C GLY C 155 -6.29 22.74 2.04
N GLY C 156 -6.01 23.96 2.47
CA GLY C 156 -7.00 25.02 2.41
C GLY C 156 -7.28 25.67 1.07
N GLN C 157 -6.60 25.23 0.01
CA GLN C 157 -6.84 25.80 -1.31
C GLN C 157 -7.97 25.05 -2.01
N ALA C 158 -8.35 23.91 -1.44
CA ALA C 158 -9.42 23.11 -2.00
C ALA C 158 -10.70 23.92 -1.84
N VAL C 159 -11.71 23.58 -2.64
CA VAL C 159 -12.96 24.29 -2.56
C VAL C 159 -14.14 23.34 -2.69
N VAL C 160 -15.33 23.83 -2.39
CA VAL C 160 -16.55 23.06 -2.49
C VAL C 160 -17.52 23.96 -3.21
N ALA C 161 -18.06 23.46 -4.31
CA ALA C 161 -18.99 24.25 -5.12
C ALA C 161 -20.20 23.42 -5.48
N ALA C 162 -21.33 24.09 -5.67
CA ALA C 162 -22.57 23.40 -6.02
C ALA C 162 -23.52 24.34 -6.78
N LEU C 163 -24.47 23.77 -7.51
CA LEU C 163 -25.42 24.61 -8.22
C LEU C 163 -26.35 25.20 -7.18
N ASP C 164 -26.64 24.41 -6.14
CA ASP C 164 -27.51 24.82 -5.03
C ASP C 164 -26.85 24.28 -3.75
N LEU C 165 -25.99 25.10 -3.16
CA LEU C 165 -25.23 24.75 -1.97
C LEU C 165 -25.96 24.75 -0.61
N GLN C 166 -26.95 23.89 -0.46
CA GLN C 166 -27.70 23.78 0.79
C GLN C 166 -27.13 22.67 1.68
N THR C 167 -25.84 22.75 2.00
CA THR C 167 -25.18 21.73 2.80
C THR C 167 -25.32 21.89 4.32
N SER C 168 -25.48 20.76 5.00
CA SER C 168 -25.60 20.74 6.46
C SER C 168 -24.25 21.14 7.00
N LEU C 169 -23.21 20.68 6.34
CA LEU C 169 -21.85 20.98 6.75
C LEU C 169 -20.87 20.98 5.59
N ILE C 170 -19.85 21.82 5.70
CA ILE C 170 -18.79 21.91 4.72
C ILE C 170 -17.48 22.02 5.47
N GLN C 171 -16.53 21.15 5.15
CA GLN C 171 -15.22 21.20 5.76
C GLN C 171 -14.19 21.31 4.65
N ILE C 172 -13.14 22.08 4.90
CA ILE C 172 -12.06 22.26 3.95
C ILE C 172 -10.83 22.28 4.83
N ALA C 173 -10.01 21.24 4.72
CA ALA C 173 -8.83 21.14 5.55
C ALA C 173 -9.34 21.14 7.00
N GLY C 174 -8.90 22.12 7.79
CA GLY C 174 -9.31 22.20 9.18
C GLY C 174 -10.56 23.03 9.42
N PHE C 175 -10.87 23.94 8.51
CA PHE C 175 -12.02 24.79 8.67
C PHE C 175 -13.33 24.03 8.49
N ILE C 176 -14.42 24.58 9.03
CA ILE C 176 -15.74 23.98 8.93
C ILE C 176 -16.75 25.12 9.02
N THR C 177 -17.98 24.83 8.62
CA THR C 177 -19.05 25.83 8.66
C THR C 177 -20.37 25.15 8.38
N HIS C 178 -21.46 25.81 8.75
CA HIS C 178 -22.79 25.27 8.52
C HIS C 178 -23.49 26.24 7.62
N SER C 179 -22.76 27.26 7.19
CA SER C 179 -23.29 28.28 6.31
C SER C 179 -23.71 27.63 5.00
N LYS C 180 -24.71 28.21 4.35
CA LYS C 180 -25.19 27.69 3.08
C LYS C 180 -25.07 28.75 1.99
N GLY C 181 -25.67 28.47 0.83
CA GLY C 181 -25.64 29.40 -0.27
C GLY C 181 -27.05 29.79 -0.64
N GLU C 182 -27.19 30.91 -1.33
CA GLU C 182 -28.50 31.39 -1.75
C GLU C 182 -29.20 30.35 -2.61
N GLU C 183 -30.48 30.13 -2.34
CA GLU C 183 -31.27 29.16 -3.08
C GLU C 183 -31.09 29.20 -4.59
N ASN C 184 -30.70 28.05 -5.15
CA ASN C 184 -30.49 27.88 -6.59
C ASN C 184 -29.48 28.82 -7.24
N VAL C 185 -28.51 29.28 -6.47
CA VAL C 185 -27.46 30.15 -6.98
C VAL C 185 -26.11 29.42 -6.92
N PRO C 186 -25.53 29.08 -8.11
CA PRO C 186 -24.23 28.38 -8.11
C PRO C 186 -23.26 29.14 -7.23
N SER C 187 -22.74 28.47 -6.21
CA SER C 187 -21.84 29.12 -5.27
C SER C 187 -20.61 28.31 -4.93
N ILE C 188 -19.62 29.00 -4.39
CA ILE C 188 -18.36 28.41 -4.04
C ILE C 188 -17.94 28.69 -2.60
N ALA C 189 -17.66 27.64 -1.84
CA ALA C 189 -17.21 27.79 -0.49
C ALA C 189 -15.70 27.60 -0.56
N HIS C 190 -14.95 28.57 -0.06
CA HIS C 190 -13.49 28.49 -0.08
C HIS C 190 -12.92 29.21 1.12
N VAL C 191 -11.64 28.94 1.41
CA VAL C 191 -10.96 29.55 2.55
C VAL C 191 -10.35 30.89 2.18
N LYS C 192 -11.15 31.95 2.32
CA LYS C 192 -10.68 33.29 2.00
C LYS C 192 -9.86 33.85 3.16
N GLY C 193 -10.45 34.74 3.94
CA GLY C 193 -9.73 35.31 5.07
C GLY C 193 -9.04 34.22 5.87
N ASN C 194 -9.80 33.61 6.75
CA ASN C 194 -9.31 32.53 7.59
C ASN C 194 -10.55 31.75 8.00
N ARG C 195 -11.61 31.93 7.24
CA ARG C 195 -12.88 31.27 7.46
C ARG C 195 -13.43 30.78 6.13
N ILE C 196 -14.51 30.01 6.16
CA ILE C 196 -15.10 29.53 4.95
C ILE C 196 -16.15 30.52 4.46
N VAL C 197 -15.83 31.16 3.34
CA VAL C 197 -16.72 32.13 2.75
C VAL C 197 -17.48 31.47 1.62
N ILE C 198 -18.75 31.86 1.47
CA ILE C 198 -19.58 31.32 0.42
C ILE C 198 -20.16 32.46 -0.40
N GLU C 199 -19.67 32.58 -1.64
CA GLU C 199 -20.13 33.63 -2.54
C GLU C 199 -20.51 33.02 -3.87
N PRO C 200 -21.50 33.61 -4.55
CA PRO C 200 -21.92 33.08 -5.85
C PRO C 200 -20.74 32.98 -6.82
N PHE C 201 -20.94 32.22 -7.90
CA PHE C 201 -19.89 32.04 -8.89
C PHE C 201 -19.59 33.37 -9.54
N ASP C 202 -20.60 34.24 -9.59
CA ASP C 202 -20.49 35.57 -10.18
C ASP C 202 -19.43 36.42 -9.52
N LYS C 203 -19.46 36.47 -8.19
CA LYS C 203 -18.53 37.32 -7.45
C LYS C 203 -17.57 36.59 -6.51
N VAL C 204 -16.76 35.67 -7.03
CA VAL C 204 -15.82 34.95 -6.19
C VAL C 204 -14.46 35.62 -6.27
N SER C 205 -13.68 35.50 -5.19
CA SER C 205 -12.34 36.08 -5.14
C SER C 205 -11.50 35.27 -4.16
N PHE C 206 -10.50 34.57 -4.68
CA PHE C 206 -9.65 33.72 -3.85
C PHE C 206 -8.44 34.40 -3.22
N ASP D 3 11.98 15.26 -33.39
CA ASP D 3 12.90 16.11 -34.17
C ASP D 3 12.78 17.58 -33.75
N PHE D 4 13.82 18.08 -33.07
CA PHE D 4 13.83 19.46 -32.60
C PHE D 4 14.41 20.43 -33.61
N LYS D 5 14.07 21.71 -33.44
CA LYS D 5 14.55 22.76 -34.31
C LYS D 5 14.54 24.07 -33.55
N MET D 6 15.60 24.87 -33.73
CA MET D 6 15.68 26.16 -33.06
C MET D 6 15.23 27.21 -34.04
N THR D 7 14.14 27.88 -33.71
CA THR D 7 13.59 28.92 -34.56
C THR D 7 13.56 30.22 -33.79
N LYS D 8 13.05 31.27 -34.42
CA LYS D 8 12.95 32.55 -33.75
C LYS D 8 11.86 32.46 -32.68
N GLU D 9 11.22 31.30 -32.58
CA GLU D 9 10.16 31.08 -31.60
C GLU D 9 10.71 30.36 -30.38
N GLY D 10 11.95 29.88 -30.52
CA GLY D 10 12.59 29.16 -29.44
C GLY D 10 12.72 27.72 -29.85
N LEU D 11 13.02 26.84 -28.90
CA LEU D 11 13.14 25.43 -29.21
C LEU D 11 11.73 24.95 -29.55
N VAL D 12 11.60 24.23 -30.67
CA VAL D 12 10.31 23.73 -31.08
C VAL D 12 10.42 22.27 -31.48
N LEU D 13 9.58 21.43 -30.86
CA LEU D 13 9.55 20.02 -31.19
C LEU D 13 8.55 19.87 -32.32
N LEU D 14 9.06 19.53 -33.50
CA LEU D 14 8.20 19.36 -34.66
C LEU D 14 7.81 17.89 -34.85
N ILE D 15 6.51 17.67 -35.01
CA ILE D 15 5.98 16.33 -35.21
C ILE D 15 5.20 16.29 -36.52
N LYS D 16 5.72 15.53 -37.49
CA LYS D 16 5.10 15.40 -38.80
C LYS D 16 3.83 14.56 -38.77
N ASP D 17 2.92 14.83 -39.70
CA ASP D 17 1.64 14.12 -39.79
C ASP D 17 1.86 12.61 -39.69
N TYR D 18 0.99 11.95 -38.95
CA TYR D 18 1.11 10.50 -38.75
C TYR D 18 -0.25 9.79 -38.79
N GLN D 19 -0.27 8.57 -38.28
CA GLN D 19 -1.49 7.77 -38.26
C GLN D 19 -1.77 7.25 -36.85
N ASN D 20 -0.73 6.86 -36.14
CA ASN D 20 -0.84 6.34 -34.79
C ASN D 20 -0.15 7.27 -33.80
N LEU D 21 -0.61 7.26 -32.55
CA LEU D 21 -0.04 8.09 -31.50
C LEU D 21 1.12 7.38 -30.80
N GLU D 22 0.91 6.11 -30.46
CA GLU D 22 1.91 5.31 -29.77
C GLU D 22 3.30 5.51 -30.36
N GLU D 23 3.40 5.44 -31.69
CA GLU D 23 4.69 5.59 -32.36
C GLU D 23 5.27 6.99 -32.18
N VAL D 24 4.46 8.00 -32.48
CA VAL D 24 4.89 9.39 -32.34
C VAL D 24 5.60 9.60 -31.02
N LEU D 25 5.15 8.88 -30.00
CA LEU D 25 5.75 8.97 -28.67
C LEU D 25 7.13 8.35 -28.67
N ASN D 26 7.24 7.17 -29.29
CA ASN D 26 8.50 6.44 -29.37
C ASN D 26 9.60 7.19 -30.11
N ALA D 27 9.22 7.99 -31.10
CA ALA D 27 10.18 8.76 -31.88
C ALA D 27 10.68 9.96 -31.06
N ILE D 28 9.99 10.27 -29.97
CA ILE D 28 10.36 11.39 -29.12
C ILE D 28 11.24 10.92 -27.96
N SER D 29 10.87 9.79 -27.36
CA SER D 29 11.63 9.23 -26.25
C SER D 29 12.89 8.56 -26.77
N ALA D 30 13.14 8.73 -28.07
CA ALA D 30 14.32 8.16 -28.73
C ALA D 30 15.14 9.31 -29.32
N ARG D 31 14.50 10.46 -29.47
CA ARG D 31 15.15 11.64 -30.02
C ARG D 31 16.01 12.29 -28.94
N ILE D 32 15.51 12.29 -27.71
CA ILE D 32 16.24 12.87 -26.59
C ILE D 32 17.21 11.84 -26.03
N THR D 33 17.16 10.64 -26.58
CA THR D 33 18.04 9.55 -26.15
C THR D 33 19.34 9.58 -26.96
N GLN D 34 19.25 10.03 -28.21
CA GLN D 34 20.42 10.11 -29.08
C GLN D 34 20.89 11.55 -29.33
N MET D 35 20.27 12.50 -28.63
CA MET D 35 20.65 13.91 -28.75
C MET D 35 21.30 14.36 -27.46
N GLY D 36 21.27 13.49 -26.45
CA GLY D 36 21.86 13.81 -25.17
C GLY D 36 21.10 14.90 -24.46
N GLY D 37 20.73 15.94 -25.20
CA GLY D 37 19.98 17.04 -24.63
C GLY D 37 20.74 17.81 -23.57
N PHE D 38 20.20 18.95 -23.17
CA PHE D 38 20.82 19.79 -22.15
C PHE D 38 19.91 20.97 -21.80
N PHE D 39 18.71 20.64 -21.30
CA PHE D 39 17.73 21.63 -20.90
C PHE D 39 17.33 21.37 -19.45
N ALA D 40 17.97 20.38 -18.85
CA ALA D 40 17.72 20.01 -17.46
C ALA D 40 16.24 19.76 -17.15
N LYS D 41 15.73 20.50 -16.16
CA LYS D 41 14.35 20.36 -15.73
C LYS D 41 13.50 21.59 -16.07
N GLY D 42 13.97 22.76 -15.65
CA GLY D 42 13.24 23.99 -15.90
C GLY D 42 12.89 24.30 -17.35
N ASP D 43 13.88 24.30 -18.23
CA ASP D 43 13.71 24.62 -19.64
C ASP D 43 12.35 24.26 -20.24
N ARG D 44 11.94 25.04 -21.24
CA ARG D 44 10.65 24.87 -21.91
C ARG D 44 10.77 24.82 -23.43
N ILE D 45 9.77 24.23 -24.08
CA ILE D 45 9.76 24.11 -25.54
C ILE D 45 8.38 24.38 -26.11
N SER D 46 8.33 24.59 -27.43
CA SER D 46 7.07 24.81 -28.12
C SER D 46 6.77 23.53 -28.89
N LEU D 47 5.49 23.29 -29.14
CA LEU D 47 5.07 22.09 -29.84
C LEU D 47 4.33 22.42 -31.12
N MET D 48 4.74 21.78 -32.21
CA MET D 48 4.08 21.98 -33.50
C MET D 48 3.84 20.62 -34.10
N ILE D 49 2.68 20.46 -34.72
CA ILE D 49 2.32 19.20 -35.35
C ILE D 49 1.67 19.48 -36.70
N GLU D 50 2.15 18.81 -37.74
CA GLU D 50 1.58 18.99 -39.07
C GLU D 50 0.14 18.47 -39.03
N ASN D 51 -0.74 19.07 -39.82
CA ASN D 51 -2.13 18.63 -39.85
C ASN D 51 -2.63 18.42 -38.42
N HIS D 52 -2.35 19.42 -37.58
CA HIS D 52 -2.76 19.39 -36.18
C HIS D 52 -4.20 18.95 -35.97
N ASN D 53 -5.12 19.53 -36.75
CA ASN D 53 -6.54 19.22 -36.67
C ASN D 53 -6.79 17.71 -36.67
N LYS D 54 -5.77 16.95 -37.04
CA LYS D 54 -5.87 15.51 -37.11
C LYS D 54 -5.30 14.80 -35.88
N HIS D 55 -4.68 15.55 -34.98
CA HIS D 55 -4.08 14.94 -33.79
C HIS D 55 -4.35 15.64 -32.46
N SER D 56 -5.30 16.57 -32.44
CA SER D 56 -5.64 17.31 -31.22
C SER D 56 -5.83 16.42 -30.00
N GLN D 57 -6.55 15.33 -30.17
CA GLN D 57 -6.83 14.38 -29.10
C GLN D 57 -5.58 13.78 -28.48
N ASP D 58 -4.45 13.95 -29.15
CA ASP D 58 -3.18 13.38 -28.67
C ASP D 58 -2.33 14.33 -27.83
N ILE D 59 -2.65 15.62 -27.85
CA ILE D 59 -1.89 16.62 -27.11
C ILE D 59 -1.70 16.35 -25.62
N PRO D 60 -2.75 15.93 -24.92
CA PRO D 60 -2.52 15.69 -23.48
C PRO D 60 -1.40 14.67 -23.22
N ARG D 61 -1.39 13.56 -23.96
CA ARG D 61 -0.36 12.55 -23.75
C ARG D 61 1.02 13.03 -24.20
N ILE D 62 1.10 13.64 -25.38
CA ILE D 62 2.38 14.15 -25.86
C ILE D 62 2.96 15.13 -24.85
N VAL D 63 2.12 15.99 -24.28
CA VAL D 63 2.63 16.94 -23.30
C VAL D 63 3.09 16.19 -22.06
N SER D 64 2.42 15.08 -21.73
CA SER D 64 2.77 14.27 -20.58
C SER D 64 4.05 13.49 -20.82
N HIS D 65 4.05 12.74 -21.92
CA HIS D 65 5.21 11.93 -22.31
C HIS D 65 6.47 12.78 -22.34
N LEU D 66 6.32 14.01 -22.82
CA LEU D 66 7.41 14.97 -22.94
C LEU D 66 7.84 15.44 -21.55
N ARG D 67 6.86 15.77 -20.73
CA ARG D 67 7.12 16.23 -19.37
C ARG D 67 7.68 15.06 -18.54
N ASN D 68 7.47 13.85 -19.02
CA ASN D 68 8.00 12.66 -18.35
C ASN D 68 9.50 12.57 -18.61
N LEU D 69 9.94 13.31 -19.64
CA LEU D 69 11.34 13.34 -20.01
C LEU D 69 11.95 14.66 -19.56
N GLY D 70 11.24 15.36 -18.67
CA GLY D 70 11.75 16.63 -18.14
C GLY D 70 11.50 17.91 -18.90
N LEU D 71 10.82 17.83 -20.05
CA LEU D 71 10.55 19.03 -20.85
C LEU D 71 9.14 19.60 -20.64
N GLU D 72 9.06 20.92 -20.56
CA GLU D 72 7.79 21.63 -20.35
C GLU D 72 7.30 22.35 -21.62
N VAL D 73 6.14 21.95 -22.12
CA VAL D 73 5.57 22.59 -23.30
C VAL D 73 5.00 23.92 -22.83
N SER D 74 5.44 25.00 -23.48
CA SER D 74 5.01 26.34 -23.11
C SER D 74 3.96 26.90 -24.07
N GLN D 75 3.96 26.43 -25.30
CA GLN D 75 3.00 26.90 -26.27
C GLN D 75 2.86 25.91 -27.40
N ILE D 76 1.75 26.00 -28.12
CA ILE D 76 1.47 25.10 -29.22
C ILE D 76 1.40 25.92 -30.52
N LEU D 77 2.21 25.52 -31.50
CA LEU D 77 2.24 26.22 -32.79
C LEU D 77 1.58 25.42 -33.89
N VAL D 78 0.85 26.12 -34.76
CA VAL D 78 0.15 25.50 -35.88
C VAL D 78 1.09 25.21 -37.05
N SER D 93 -0.77 29.32 -36.39
CA SER D 93 -1.15 30.12 -35.23
C SER D 93 -0.36 29.69 -34.00
N ARG D 94 -0.54 30.42 -32.90
CA ARG D 94 0.16 30.09 -31.67
C ARG D 94 -0.67 30.31 -30.41
N THR D 95 -0.74 29.28 -29.57
CA THR D 95 -1.49 29.35 -28.33
C THR D 95 -0.56 29.09 -27.15
N THR D 96 -0.81 29.76 -26.02
CA THR D 96 0.03 29.57 -24.85
C THR D 96 -0.57 28.51 -23.93
N VAL D 97 0.22 27.47 -23.67
CA VAL D 97 -0.24 26.37 -22.82
C VAL D 97 0.13 26.53 -21.37
N GLU D 98 -0.52 25.73 -20.54
CA GLU D 98 -0.28 25.72 -19.10
C GLU D 98 -0.94 24.48 -18.51
N SER D 99 -0.11 23.49 -18.17
CA SER D 99 -0.58 22.27 -17.56
C SER D 99 -0.39 22.44 -16.06
N THR D 100 -0.81 23.60 -15.56
CA THR D 100 -0.69 23.92 -14.14
C THR D 100 -1.50 22.95 -13.31
N GLY D 101 -2.35 23.47 -12.43
CA GLY D 101 -3.18 22.60 -11.62
C GLY D 101 -4.45 22.26 -12.39
N LYS D 102 -5.07 21.13 -12.03
CA LYS D 102 -6.29 20.73 -12.70
C LYS D 102 -7.46 21.57 -12.21
N VAL D 103 -7.21 22.38 -11.18
CA VAL D 103 -8.25 23.27 -10.68
C VAL D 103 -7.73 24.68 -11.01
N ILE D 104 -8.50 25.41 -11.80
CA ILE D 104 -8.14 26.76 -12.24
C ILE D 104 -9.05 27.78 -11.59
N LYS D 105 -8.46 28.74 -10.90
CA LYS D 105 -9.21 29.77 -10.19
C LYS D 105 -9.10 31.15 -10.85
N ARG D 106 -9.24 31.19 -12.17
CA ARG D 106 -9.17 32.43 -12.94
C ARG D 106 -9.80 32.12 -14.28
N ASN D 107 -9.86 33.12 -15.16
CA ASN D 107 -10.44 32.91 -16.48
C ASN D 107 -9.38 32.38 -17.42
N ILE D 108 -9.80 31.64 -18.43
CA ILE D 108 -8.86 31.12 -19.42
C ILE D 108 -9.05 32.13 -20.56
N ARG D 109 -7.99 32.89 -20.85
CA ARG D 109 -8.02 33.93 -21.86
C ARG D 109 -7.74 33.53 -23.30
N SER D 110 -8.07 34.43 -24.22
CA SER D 110 -7.85 34.20 -25.64
C SER D 110 -6.39 33.85 -25.90
N GLY D 111 -6.17 32.88 -26.78
CA GLY D 111 -4.82 32.49 -27.10
C GLY D 111 -4.23 31.55 -26.06
N GLN D 112 -5.04 31.25 -25.04
CA GLN D 112 -4.61 30.34 -23.98
C GLN D 112 -5.19 28.95 -24.15
N THR D 113 -4.41 27.95 -23.79
CA THR D 113 -4.87 26.58 -23.89
C THR D 113 -4.45 25.83 -22.64
N VAL D 114 -5.44 25.22 -21.99
CA VAL D 114 -5.20 24.40 -20.81
C VAL D 114 -5.02 22.97 -21.29
N VAL D 115 -3.95 22.32 -20.86
CA VAL D 115 -3.73 20.92 -21.24
C VAL D 115 -3.60 20.09 -19.97
N HIS D 116 -4.47 19.10 -19.82
CA HIS D 116 -4.42 18.24 -18.64
C HIS D 116 -4.75 16.78 -18.92
N SER D 117 -4.08 15.88 -18.22
CA SER D 117 -4.30 14.44 -18.42
C SER D 117 -5.61 13.93 -17.81
N GLY D 118 -6.06 14.55 -16.72
CA GLY D 118 -7.30 14.11 -16.09
C GLY D 118 -8.43 15.10 -16.29
N ASP D 119 -9.27 15.28 -15.28
CA ASP D 119 -10.38 16.22 -15.37
C ASP D 119 -9.86 17.64 -15.16
N VAL D 120 -10.60 18.64 -15.65
CA VAL D 120 -10.23 20.04 -15.48
C VAL D 120 -11.41 20.82 -14.90
N ILE D 121 -11.15 21.57 -13.83
CA ILE D 121 -12.20 22.34 -13.20
C ILE D 121 -11.86 23.82 -13.27
N VAL D 122 -12.78 24.59 -13.83
CA VAL D 122 -12.57 26.02 -13.98
C VAL D 122 -13.57 26.87 -13.19
N PHE D 123 -13.06 27.54 -12.16
CA PHE D 123 -13.90 28.43 -11.37
C PHE D 123 -13.63 29.79 -11.99
N GLY D 124 -14.29 29.99 -13.13
CA GLY D 124 -14.14 31.20 -13.89
C GLY D 124 -14.74 30.96 -15.25
N ASN D 125 -14.35 31.76 -16.22
CA ASN D 125 -14.88 31.63 -17.57
C ASN D 125 -13.83 31.17 -18.55
N VAL D 126 -14.29 30.55 -19.64
CA VAL D 126 -13.39 30.14 -20.70
C VAL D 126 -13.78 31.05 -21.88
N ASN D 127 -12.89 31.97 -22.24
CA ASN D 127 -13.15 32.93 -23.32
C ASN D 127 -13.17 32.37 -24.74
N LYS D 128 -13.77 33.14 -25.66
CA LYS D 128 -13.94 32.77 -27.06
C LYS D 128 -12.75 32.19 -27.86
N GLY D 129 -11.54 32.64 -27.57
CA GLY D 129 -10.39 32.14 -28.30
C GLY D 129 -9.49 31.30 -27.43
N ALA D 130 -10.09 30.72 -26.39
CA ALA D 130 -9.37 29.89 -25.45
C ALA D 130 -9.74 28.46 -25.75
N GLU D 131 -8.92 27.53 -25.26
CA GLU D 131 -9.21 26.13 -25.49
C GLU D 131 -8.86 25.30 -24.26
N ILE D 132 -9.59 24.21 -24.08
CA ILE D 132 -9.33 23.29 -22.98
C ILE D 132 -9.15 21.94 -23.60
N LEU D 133 -8.01 21.30 -23.33
CA LEU D 133 -7.74 19.95 -23.82
C LEU D 133 -7.59 19.12 -22.56
N ALA D 134 -8.58 18.27 -22.31
CA ALA D 134 -8.56 17.45 -21.10
C ALA D 134 -8.62 15.94 -21.34
N GLY D 135 -7.81 15.20 -20.59
CA GLY D 135 -7.82 13.75 -20.71
C GLY D 135 -9.13 13.21 -20.13
N GLY D 136 -9.64 13.87 -19.11
CA GLY D 136 -10.88 13.45 -18.49
C GLY D 136 -12.07 14.38 -18.78
N SER D 137 -12.92 14.60 -17.78
CA SER D 137 -14.10 15.47 -17.91
C SER D 137 -13.70 16.92 -17.64
N VAL D 138 -14.58 17.86 -18.02
CA VAL D 138 -14.34 19.28 -17.80
C VAL D 138 -15.57 19.96 -17.19
N VAL D 139 -15.33 20.77 -16.18
CA VAL D 139 -16.42 21.51 -15.55
C VAL D 139 -15.99 22.98 -15.53
N VAL D 140 -16.85 23.84 -16.07
CA VAL D 140 -16.57 25.26 -16.09
C VAL D 140 -17.60 25.90 -15.17
N PHE D 141 -17.16 26.40 -14.03
CA PHE D 141 -18.10 27.01 -13.11
C PHE D 141 -18.20 28.47 -13.49
N GLY D 142 -18.81 28.70 -14.65
CA GLY D 142 -18.95 30.04 -15.19
C GLY D 142 -19.33 29.90 -16.65
N LYS D 143 -18.94 30.90 -17.45
CA LYS D 143 -19.26 30.88 -18.87
C LYS D 143 -18.18 30.18 -19.71
N ALA D 144 -18.60 29.23 -20.53
CA ALA D 144 -17.68 28.50 -21.42
C ALA D 144 -17.90 28.89 -22.89
N GLN D 145 -16.93 29.58 -23.48
CA GLN D 145 -17.07 29.99 -24.88
C GLN D 145 -16.25 29.16 -25.89
N GLY D 146 -14.95 29.39 -25.95
CA GLY D 146 -14.08 28.69 -26.91
C GLY D 146 -14.30 27.21 -27.17
N ASN D 147 -13.22 26.47 -27.38
CA ASN D 147 -13.32 25.04 -27.65
C ASN D 147 -12.99 24.21 -26.42
N ILE D 148 -13.75 23.14 -26.22
CA ILE D 148 -13.49 22.24 -25.09
C ILE D 148 -13.43 20.81 -25.62
N ARG D 149 -12.26 20.21 -25.54
CA ARG D 149 -12.06 18.84 -26.00
C ARG D 149 -11.74 18.00 -24.77
N ALA D 150 -12.62 17.05 -24.47
CA ALA D 150 -12.46 16.22 -23.29
C ALA D 150 -12.42 14.76 -23.60
N GLY D 151 -12.08 13.98 -22.58
CA GLY D 151 -11.99 12.54 -22.73
C GLY D 151 -10.92 12.13 -23.71
N LEU D 152 -9.91 12.96 -23.87
CA LEU D 152 -8.85 12.64 -24.81
C LEU D 152 -8.04 11.43 -24.35
N ASN D 153 -8.17 11.05 -23.09
CA ASN D 153 -7.46 9.87 -22.58
C ASN D 153 -8.47 8.85 -22.06
N GLU D 154 -9.47 9.34 -21.35
CA GLU D 154 -10.50 8.52 -20.74
C GLU D 154 -11.47 7.83 -21.69
N GLY D 155 -11.85 8.51 -22.75
CA GLY D 155 -12.77 7.93 -23.69
C GLY D 155 -14.13 8.59 -23.65
N GLY D 156 -15.11 7.91 -24.25
CA GLY D 156 -16.47 8.41 -24.33
C GLY D 156 -17.28 8.61 -23.06
N GLN D 157 -16.77 8.22 -21.91
CA GLN D 157 -17.51 8.40 -20.67
C GLN D 157 -17.24 9.75 -20.02
N ALA D 158 -16.24 10.47 -20.54
CA ALA D 158 -15.92 11.77 -20.02
C ALA D 158 -17.10 12.67 -20.34
N VAL D 159 -17.25 13.74 -19.56
CA VAL D 159 -18.34 14.69 -19.69
C VAL D 159 -17.81 16.12 -19.74
N VAL D 160 -18.62 17.03 -20.26
CA VAL D 160 -18.27 18.45 -20.33
C VAL D 160 -19.49 19.22 -19.82
N ALA D 161 -19.27 20.11 -18.86
CA ALA D 161 -20.35 20.88 -18.28
C ALA D 161 -19.95 22.32 -17.94
N ALA D 162 -20.94 23.20 -17.93
CA ALA D 162 -20.71 24.62 -17.62
C ALA D 162 -21.99 25.27 -17.10
N LEU D 163 -21.84 26.38 -16.39
CA LEU D 163 -23.02 27.09 -15.90
C LEU D 163 -23.69 27.70 -17.14
N ASP D 164 -22.87 28.12 -18.10
CA ASP D 164 -23.35 28.67 -19.37
C ASP D 164 -22.48 28.03 -20.47
N LEU D 165 -23.01 26.99 -21.11
CA LEU D 165 -22.29 26.26 -22.14
C LEU D 165 -22.47 26.85 -23.56
N GLN D 166 -21.74 27.93 -23.82
CA GLN D 166 -21.76 28.63 -25.10
C GLN D 166 -20.44 28.36 -25.80
N THR D 167 -20.20 27.09 -26.08
CA THR D 167 -18.97 26.68 -26.73
C THR D 167 -19.03 26.61 -28.25
N SER D 168 -18.01 27.15 -28.90
CA SER D 168 -17.93 27.11 -30.36
C SER D 168 -17.86 25.63 -30.76
N LEU D 169 -17.20 24.84 -29.93
CA LEU D 169 -17.06 23.41 -30.19
C LEU D 169 -16.84 22.58 -28.93
N ILE D 170 -17.34 21.35 -28.94
CA ILE D 170 -17.14 20.44 -27.82
C ILE D 170 -16.75 19.09 -28.35
N GLN D 171 -15.61 18.58 -27.90
CA GLN D 171 -15.18 17.26 -28.31
C GLN D 171 -15.07 16.36 -27.10
N ILE D 172 -15.53 15.13 -27.24
CA ILE D 172 -15.46 14.16 -26.18
C ILE D 172 -15.00 12.91 -26.88
N ALA D 173 -13.77 12.50 -26.60
CA ALA D 173 -13.21 11.32 -27.22
C ALA D 173 -13.22 11.55 -28.74
N GLY D 174 -13.81 10.62 -29.49
CA GLY D 174 -13.85 10.76 -30.93
C GLY D 174 -15.09 11.46 -31.45
N PHE D 175 -15.93 11.95 -30.57
CA PHE D 175 -17.14 12.64 -31.00
C PHE D 175 -16.93 14.14 -30.92
N ILE D 176 -17.75 14.87 -31.67
CA ILE D 176 -17.68 16.33 -31.70
C ILE D 176 -19.07 16.87 -31.95
N THR D 177 -19.27 18.14 -31.60
CA THR D 177 -20.54 18.83 -31.80
C THR D 177 -20.28 20.31 -31.71
N HIS D 178 -21.15 21.10 -32.33
CA HIS D 178 -21.02 22.54 -32.29
C HIS D 178 -22.24 23.07 -31.57
N SER D 179 -23.13 22.15 -31.20
CA SER D 179 -24.35 22.52 -30.48
C SER D 179 -23.97 23.24 -29.20
N LYS D 180 -24.84 24.14 -28.76
CA LYS D 180 -24.60 24.89 -27.53
C LYS D 180 -25.67 24.54 -26.52
N GLY D 181 -25.56 25.14 -25.34
CA GLY D 181 -26.55 24.89 -24.30
C GLY D 181 -27.40 26.14 -24.12
N GLU D 182 -28.62 25.96 -23.59
CA GLU D 182 -29.51 27.08 -23.37
C GLU D 182 -28.78 28.14 -22.55
N GLU D 183 -29.03 29.40 -22.88
CA GLU D 183 -28.39 30.52 -22.21
C GLU D 183 -28.53 30.51 -20.69
N ASN D 184 -27.40 30.66 -20.01
CA ASN D 184 -27.32 30.69 -18.55
C ASN D 184 -27.83 29.45 -17.83
N VAL D 185 -28.21 28.42 -18.57
CA VAL D 185 -28.70 27.20 -17.96
C VAL D 185 -27.55 26.19 -17.78
N PRO D 186 -27.24 25.82 -16.52
CA PRO D 186 -26.15 24.86 -16.31
C PRO D 186 -26.43 23.59 -17.12
N SER D 187 -25.49 23.23 -17.99
CA SER D 187 -25.71 22.08 -18.85
C SER D 187 -24.57 21.07 -18.88
N ILE D 188 -24.90 19.87 -19.36
CA ILE D 188 -23.95 18.79 -19.45
C ILE D 188 -23.90 18.15 -20.84
N ALA D 189 -22.70 18.14 -21.43
CA ALA D 189 -22.51 17.52 -22.73
C ALA D 189 -21.95 16.13 -22.46
N HIS D 190 -22.57 15.10 -23.04
CA HIS D 190 -22.10 13.75 -22.82
C HIS D 190 -22.43 12.83 -23.99
N VAL D 191 -21.73 11.71 -24.08
CA VAL D 191 -21.95 10.77 -25.16
C VAL D 191 -23.08 9.79 -24.88
N LYS D 192 -24.24 10.10 -25.44
CA LYS D 192 -25.42 9.26 -25.29
C LYS D 192 -25.76 8.71 -26.67
N GLY D 193 -26.18 7.45 -26.72
CA GLY D 193 -26.49 6.85 -27.99
C GLY D 193 -25.22 6.66 -28.78
N ASN D 194 -24.80 7.71 -29.50
CA ASN D 194 -23.58 7.64 -30.29
C ASN D 194 -23.23 9.04 -30.78
N ARG D 195 -23.80 10.04 -30.12
CA ARG D 195 -23.56 11.43 -30.47
C ARG D 195 -23.39 12.19 -29.15
N ILE D 196 -23.05 13.48 -29.23
CA ILE D 196 -22.89 14.29 -28.03
C ILE D 196 -24.17 15.06 -27.76
N VAL D 197 -24.85 14.67 -26.69
CA VAL D 197 -26.09 15.32 -26.30
C VAL D 197 -25.79 16.40 -25.28
N ILE D 198 -26.56 17.48 -25.31
CA ILE D 198 -26.40 18.57 -24.37
C ILE D 198 -27.75 18.83 -23.71
N GLU D 199 -27.82 18.56 -22.42
CA GLU D 199 -29.06 18.77 -21.67
C GLU D 199 -28.80 19.45 -20.34
N PRO D 200 -29.77 20.25 -19.86
CA PRO D 200 -29.62 20.95 -18.58
C PRO D 200 -29.34 19.97 -17.45
N PHE D 201 -28.68 20.46 -16.41
CA PHE D 201 -28.35 19.60 -15.27
C PHE D 201 -29.60 18.92 -14.69
N ASP D 202 -30.70 19.66 -14.72
CA ASP D 202 -31.98 19.20 -14.20
C ASP D 202 -32.43 17.85 -14.70
N LYS D 203 -32.31 17.64 -16.01
CA LYS D 203 -32.77 16.40 -16.61
C LYS D 203 -31.70 15.62 -17.36
N VAL D 204 -30.52 15.47 -16.76
CA VAL D 204 -29.47 14.72 -17.43
C VAL D 204 -29.83 13.25 -17.40
N SER D 205 -29.37 12.50 -18.40
CA SER D 205 -29.65 11.08 -18.51
C SER D 205 -28.50 10.35 -19.18
N PHE D 206 -27.54 9.88 -18.38
CA PHE D 206 -26.36 9.18 -18.89
C PHE D 206 -26.70 7.76 -19.35
#